data_7Q0N
#
_entry.id   7Q0N
#
_cell.length_a   132.719
_cell.length_b   39.866
_cell.length_c   143.015
_cell.angle_alpha   90.000
_cell.angle_beta   100.490
_cell.angle_gamma   90.000
#
_symmetry.space_group_name_H-M   'P 1 21 1'
#
loop_
_entity.id
_entity.type
_entity.pdbx_description
1 polymer 'Arbitrium receptor'
2 polymer 'DNA (45-MER)'
3 polymer 'DNA (45-MER)'
4 non-polymer 'SULFATE ION'
5 water water
#
loop_
_entity_poly.entity_id
_entity_poly.type
_entity_poly.pdbx_seq_one_letter_code
_entity_poly.pdbx_strand_id
1 'polypeptide(L)'
;MELIRIAMKKDLENDNSLMNKWATVAGLKNPNPLYDFLNHDGKTFNEFSSIVNIVKSQYPDREYELMKDYCLNLDVKTKA
ARSALEYADANMFFEIEDALIDSMISCSNMKSKEYGKVYKIHRELSKGEIDVFEASANIGKQRIKTAEMNIFSKMLLMYD
CLNKGNFAPMMLLFQQIDLSEIKENRYLKNSFETRINVLLSNIYLNENNLELCREYAQKAISSTDTQRFLVFSYLTIGTS
YIFSDFNLSKQNYLIGLKFAKGNPGFEEFFKRNLSFLNNFWNKENEWINYDSDAVTDMQEVIFELINHKELSKALQLLNK
LEERDQNENELGFHYYLKGLITNEKEAFFKSVEYFKASQDKLSIKMPLIQLEKMGENPRLLKIITM
;
A,B
2 'polydeoxyribonucleotide'
;(DG)(DG)(DC)(DC)(DA)(DT)(DC)(DA)(DC)(DT)(DA)(DG)(DA)(DT)(DG)(DT)(DT)(DA)(DT)(DA)
(DA)(DA)(DA)(DA)(DC)(DT)(DT)(DA)(DA)(DT)(DA)(DT)(DT)(DT)(DA)(DA)(DG)(DT)(DG)(DA)
(DT)(DC)(DA)(DA)(DC)
;
C
3 'polydeoxyribonucleotide'
;(DG)(DT)(DT)(DG)(DA)(DT)(DC)(DA)(DC)(DT)(DT)(DA)(DA)(DA)(DT)(DA)(DT)(DT)(DA)(DA)
(DG)(DT)(DT)(DT)(DT)(DT)(DA)(DT)(DA)(DA)(DC)(DA)(DT)(DC)(DT)(DA)(DG)(DT)(DG)(DA)
(DT)(DG)(DG)(DC)(DC)
;
D
#
# COMPACT_ATOMS: atom_id res chain seq x y z
N MET A 1 42.73 6.34 23.83
CA MET A 1 43.17 5.70 22.55
C MET A 1 42.30 4.47 22.30
N GLU A 2 41.93 4.22 21.04
CA GLU A 2 40.92 3.20 20.63
C GLU A 2 41.60 1.82 20.63
N LEU A 3 40.89 0.78 21.09
CA LEU A 3 41.37 -0.64 21.21
C LEU A 3 42.01 -1.10 19.89
N ILE A 4 41.41 -0.73 18.76
CA ILE A 4 41.84 -1.06 17.36
C ILE A 4 43.27 -0.55 17.14
N ARG A 5 43.58 0.64 17.62
CA ARG A 5 44.91 1.25 17.44
C ARG A 5 45.89 0.60 18.41
N ILE A 6 45.45 0.23 19.62
CA ILE A 6 46.26 -0.49 20.65
C ILE A 6 46.67 -1.86 20.08
N ALA A 7 45.72 -2.62 19.54
CA ALA A 7 45.91 -3.99 19.05
C ALA A 7 46.76 -3.99 17.76
N MET A 8 46.65 -2.98 16.89
CA MET A 8 47.46 -2.83 15.64
C MET A 8 48.91 -2.45 15.99
N LYS A 9 49.07 -1.62 17.03
CA LYS A 9 50.39 -1.14 17.50
C LYS A 9 51.14 -2.33 18.13
N LYS A 10 50.44 -3.16 18.92
CA LYS A 10 50.99 -4.36 19.59
C LYS A 10 51.51 -5.34 18.54
N ASP A 11 50.70 -5.61 17.50
CA ASP A 11 50.96 -6.67 16.47
C ASP A 11 52.14 -6.23 15.57
N LEU A 12 52.29 -4.92 15.31
CA LEU A 12 53.27 -4.37 14.33
C LEU A 12 54.67 -4.37 14.97
N GLU A 13 54.71 -4.26 16.29
CA GLU A 13 55.93 -4.34 17.13
C GLU A 13 56.52 -5.76 16.97
N ASN A 14 55.70 -6.77 16.61
CA ASN A 14 56.13 -8.19 16.43
C ASN A 14 56.51 -8.51 14.98
N ASP A 15 55.64 -8.15 14.04
CA ASP A 15 55.75 -8.45 12.59
C ASP A 15 55.70 -7.12 11.84
N ASN A 16 56.87 -6.68 11.39
CA ASN A 16 57.16 -5.33 10.82
C ASN A 16 56.88 -5.28 9.31
N SER A 17 56.06 -6.19 8.78
CA SER A 17 55.71 -6.25 7.35
C SER A 17 54.23 -5.87 7.16
N LEU A 18 53.55 -5.58 8.28
CA LEU A 18 52.07 -5.58 8.35
C LEU A 18 51.51 -4.39 7.60
N MET A 19 52.18 -3.23 7.65
CA MET A 19 51.62 -1.96 7.13
C MET A 19 51.30 -2.07 5.63
N ASN A 20 52.20 -2.62 4.80
CA ASN A 20 51.95 -2.73 3.34
C ASN A 20 50.79 -3.72 3.06
N LYS A 21 50.65 -4.74 3.90
CA LYS A 21 49.55 -5.74 3.83
C LYS A 21 48.21 -5.10 4.25
N TRP A 22 48.25 -4.29 5.29
CA TRP A 22 47.07 -3.54 5.79
C TRP A 22 46.63 -2.52 4.74
N ALA A 23 47.59 -1.82 4.13
CA ALA A 23 47.32 -0.88 3.00
C ALA A 23 46.55 -1.61 1.89
N THR A 24 47.08 -2.74 1.42
CA THR A 24 46.45 -3.54 0.35
C THR A 24 45.00 -3.85 0.73
N VAL A 25 44.76 -4.33 1.96
CA VAL A 25 43.41 -4.72 2.48
C VAL A 25 42.52 -3.46 2.59
N ALA A 26 43.08 -2.36 3.07
CA ALA A 26 42.38 -1.07 3.24
C ALA A 26 42.16 -0.38 1.88
N GLY A 27 42.71 -0.94 0.79
CA GLY A 27 42.65 -0.36 -0.56
C GLY A 27 43.51 0.89 -0.70
N LEU A 28 44.54 1.06 0.15
CA LEU A 28 45.48 2.22 0.08
C LEU A 28 46.65 1.87 -0.86
N LYS A 29 47.10 2.82 -1.67
CA LYS A 29 48.22 2.65 -2.65
C LYS A 29 49.55 2.59 -1.89
N ASN A 30 49.61 3.23 -0.72
CA ASN A 30 50.80 3.25 0.16
C ASN A 30 50.29 3.47 1.58
N PRO A 31 51.05 3.00 2.60
CA PRO A 31 50.61 2.98 3.99
C PRO A 31 50.91 4.23 4.82
N ASN A 32 51.31 5.33 4.18
CA ASN A 32 51.46 6.65 4.84
C ASN A 32 50.18 6.99 5.61
N PRO A 33 48.98 6.91 5.00
CA PRO A 33 47.76 7.11 5.76
C PRO A 33 47.62 6.19 7.00
N LEU A 34 48.20 4.99 6.98
CA LEU A 34 48.12 4.07 8.16
C LEU A 34 49.11 4.49 9.25
N TYR A 35 50.24 5.10 8.89
CA TYR A 35 51.21 5.61 9.89
C TYR A 35 50.52 6.79 10.59
N ASP A 36 49.93 7.68 9.78
CA ASP A 36 49.08 8.81 10.23
C ASP A 36 47.93 8.25 11.09
N PHE A 37 47.33 7.12 10.73
CA PHE A 37 46.25 6.49 11.54
C PHE A 37 46.77 6.07 12.92
N LEU A 38 47.94 5.45 12.99
CA LEU A 38 48.45 4.91 14.29
C LEU A 38 49.08 6.04 15.11
N ASN A 39 49.63 7.07 14.47
CA ASN A 39 50.50 8.08 15.13
C ASN A 39 49.66 9.26 15.66
N HIS A 40 48.70 9.76 14.88
CA HIS A 40 47.95 11.02 15.15
C HIS A 40 46.49 10.76 15.56
N ASP A 41 46.11 11.22 16.76
CA ASP A 41 44.76 11.06 17.37
C ASP A 41 43.67 11.64 16.45
N GLY A 42 42.53 10.96 16.42
CA GLY A 42 41.39 11.26 15.54
C GLY A 42 41.81 11.45 14.09
N LYS A 43 42.72 10.63 13.55
CA LYS A 43 42.85 10.50 12.08
C LYS A 43 41.75 9.53 11.61
N THR A 44 41.18 9.79 10.44
CA THR A 44 40.22 8.86 9.80
C THR A 44 40.65 8.66 8.34
N PHE A 45 40.10 7.62 7.74
CA PHE A 45 40.24 7.30 6.31
C PHE A 45 39.01 7.86 5.57
N ASN A 46 39.26 8.35 4.35
CA ASN A 46 38.28 8.90 3.38
C ASN A 46 37.09 7.95 3.26
N GLU A 47 37.39 6.65 3.18
CA GLU A 47 36.42 5.55 2.98
C GLU A 47 36.49 4.57 4.16
N PHE A 48 35.38 4.37 4.88
CA PHE A 48 35.26 3.62 6.17
C PHE A 48 35.64 2.13 5.96
N SER A 49 35.74 1.69 4.70
CA SER A 49 36.10 0.30 4.32
C SER A 49 37.58 0.07 4.71
N SER A 50 38.41 1.11 4.56
CA SER A 50 39.84 1.05 4.96
C SER A 50 39.91 0.45 6.36
N ILE A 51 39.02 0.83 7.27
CA ILE A 51 39.11 0.39 8.68
C ILE A 51 38.37 -0.94 8.83
N VAL A 52 37.26 -1.11 8.13
CA VAL A 52 36.43 -2.33 8.34
C VAL A 52 37.18 -3.54 7.75
N ASN A 53 37.65 -3.41 6.52
CA ASN A 53 38.44 -4.47 5.82
C ASN A 53 39.53 -5.00 6.74
N ILE A 54 40.24 -4.10 7.42
CA ILE A 54 41.34 -4.42 8.36
C ILE A 54 40.78 -5.11 9.59
N VAL A 55 39.85 -4.51 10.32
CA VAL A 55 39.27 -5.18 11.51
C VAL A 55 38.83 -6.59 11.09
N LYS A 56 38.34 -6.76 9.86
CA LYS A 56 37.76 -8.04 9.35
C LYS A 56 38.89 -9.03 9.03
N SER A 57 39.85 -8.61 8.21
CA SER A 57 41.06 -9.40 7.79
C SER A 57 41.86 -9.83 9.02
N GLN A 58 42.10 -8.93 9.95
CA GLN A 58 43.19 -9.00 10.96
C GLN A 58 42.66 -9.42 12.34
N TYR A 59 41.45 -9.03 12.73
CA TYR A 59 40.89 -9.31 14.09
C TYR A 59 39.43 -9.74 13.96
N PRO A 60 39.14 -10.74 13.10
CA PRO A 60 37.77 -11.13 12.82
C PRO A 60 36.97 -11.52 14.08
N ASP A 61 37.61 -12.25 14.99
CA ASP A 61 36.92 -12.88 16.14
C ASP A 61 36.50 -11.80 17.14
N ARG A 62 36.94 -10.55 16.98
CA ARG A 62 36.59 -9.43 17.91
C ARG A 62 36.03 -8.22 17.14
N GLU A 63 35.32 -8.42 16.02
CA GLU A 63 34.84 -7.31 15.16
C GLU A 63 33.89 -6.38 15.95
N TYR A 64 32.93 -6.92 16.71
CA TYR A 64 31.95 -6.07 17.43
C TYR A 64 32.71 -5.14 18.40
N GLU A 65 33.31 -5.70 19.45
CA GLU A 65 33.88 -4.88 20.56
C GLU A 65 34.85 -3.85 19.96
N LEU A 66 35.66 -4.20 18.96
CA LEU A 66 36.59 -3.26 18.30
C LEU A 66 35.80 -2.14 17.60
N MET A 67 34.92 -2.46 16.65
CA MET A 67 34.20 -1.44 15.86
C MET A 67 33.28 -0.59 16.77
N LYS A 68 32.66 -1.18 17.81
CA LYS A 68 31.89 -0.44 18.85
C LYS A 68 32.77 0.69 19.38
N ASP A 69 33.87 0.32 20.01
CA ASP A 69 34.84 1.25 20.64
C ASP A 69 35.28 2.29 19.61
N TYR A 70 35.60 1.92 18.37
CA TYR A 70 36.08 2.89 17.35
C TYR A 70 34.94 3.82 16.93
N CYS A 71 33.77 3.28 16.59
CA CYS A 71 32.57 4.07 16.18
C CYS A 71 32.18 5.06 17.29
N LEU A 72 32.09 4.60 18.56
CA LEU A 72 31.63 5.39 19.73
C LEU A 72 32.70 6.39 20.22
N ASN A 73 33.77 6.59 19.45
CA ASN A 73 34.85 7.54 19.81
C ASN A 73 35.07 8.53 18.67
N LEU A 74 34.30 8.39 17.59
CA LEU A 74 34.48 9.17 16.34
C LEU A 74 33.87 10.57 16.51
N ASP A 75 34.47 11.54 15.81
CA ASP A 75 33.89 12.88 15.52
C ASP A 75 32.60 12.64 14.76
N VAL A 76 31.46 12.84 15.41
CA VAL A 76 30.13 12.72 14.75
C VAL A 76 30.02 13.81 13.69
N LYS A 77 30.84 14.85 13.74
CA LYS A 77 30.80 15.87 12.68
C LYS A 77 31.33 15.30 11.35
N THR A 78 31.85 14.07 11.31
CA THR A 78 32.73 13.67 10.19
C THR A 78 32.12 12.51 9.37
N LYS A 79 32.47 12.49 8.08
CA LYS A 79 32.10 11.46 7.07
C LYS A 79 32.26 10.05 7.63
N ALA A 80 33.29 9.84 8.44
CA ALA A 80 33.55 8.56 9.12
C ALA A 80 32.33 8.19 9.95
N ALA A 81 31.84 9.11 10.76
CA ALA A 81 30.70 8.87 11.69
C ALA A 81 29.39 8.60 10.93
N ARG A 82 29.20 9.25 9.78
CA ARG A 82 28.05 9.01 8.86
C ARG A 82 28.20 7.61 8.28
N SER A 83 29.43 7.16 8.03
CA SER A 83 29.69 5.80 7.53
C SER A 83 29.46 4.77 8.65
N ALA A 84 29.92 5.08 9.87
CA ALA A 84 29.76 4.21 11.06
C ALA A 84 28.29 3.90 11.26
N LEU A 85 27.44 4.89 11.03
CA LEU A 85 25.96 4.80 11.19
C LEU A 85 25.41 3.74 10.22
N GLU A 86 25.79 3.80 8.94
CA GLU A 86 25.40 2.81 7.91
C GLU A 86 25.94 1.43 8.33
N TYR A 87 27.21 1.34 8.74
CA TYR A 87 27.79 0.06 9.22
C TYR A 87 27.01 -0.41 10.46
N ALA A 88 26.71 0.47 11.39
CA ALA A 88 25.95 0.08 12.61
C ALA A 88 24.62 -0.55 12.19
N ASP A 89 23.85 0.17 11.38
CA ASP A 89 22.46 -0.22 10.99
C ASP A 89 22.48 -1.48 10.14
N ALA A 90 23.38 -1.58 9.16
CA ALA A 90 23.52 -2.74 8.25
C ALA A 90 23.78 -4.00 9.06
N ASN A 91 24.50 -3.95 10.18
CA ASN A 91 24.82 -5.17 10.99
C ASN A 91 23.83 -5.28 12.13
N MET A 92 22.88 -4.36 12.22
CA MET A 92 21.83 -4.39 13.25
C MET A 92 22.50 -4.24 14.62
N PHE A 93 23.56 -3.42 14.68
CA PHE A 93 24.24 -3.03 15.93
C PHE A 93 23.54 -1.78 16.46
N PHE A 94 22.36 -1.97 17.04
CA PHE A 94 21.43 -0.90 17.47
C PHE A 94 22.07 -0.05 18.57
N GLU A 95 22.66 -0.65 19.61
CA GLU A 95 23.28 0.14 20.72
C GLU A 95 24.16 1.22 20.10
N ILE A 96 24.98 0.85 19.10
CA ILE A 96 25.92 1.77 18.40
C ILE A 96 25.11 2.80 17.60
N GLU A 97 24.27 2.31 16.68
CA GLU A 97 23.41 3.15 15.81
C GLU A 97 22.66 4.22 16.62
N ASP A 98 21.85 3.82 17.59
CA ASP A 98 20.98 4.74 18.38
C ASP A 98 21.92 5.81 18.99
N ALA A 99 23.04 5.35 19.55
CA ALA A 99 24.03 6.23 20.21
C ALA A 99 24.56 7.26 19.20
N LEU A 100 24.87 6.83 17.97
CA LEU A 100 25.43 7.73 16.93
C LEU A 100 24.37 8.73 16.47
N ILE A 101 23.11 8.28 16.39
CA ILE A 101 21.93 9.12 16.02
C ILE A 101 21.74 10.19 17.09
N ASP A 102 21.58 9.80 18.37
CA ASP A 102 21.50 10.73 19.53
C ASP A 102 22.50 11.88 19.30
N SER A 103 23.80 11.58 19.20
CA SER A 103 24.90 12.58 19.12
C SER A 103 24.75 13.45 17.87
N MET A 104 24.32 12.86 16.76
CA MET A 104 24.31 13.53 15.42
C MET A 104 23.12 14.49 15.29
N ILE A 105 21.97 14.15 15.87
CA ILE A 105 20.80 15.07 15.93
C ILE A 105 21.26 16.39 16.56
N SER A 106 21.78 16.35 17.80
CA SER A 106 22.13 17.54 18.64
C SER A 106 23.53 18.08 18.31
N CYS A 107 24.10 17.76 17.14
CA CYS A 107 25.48 18.16 16.72
C CYS A 107 25.37 19.38 15.80
N SER A 108 26.51 19.97 15.43
CA SER A 108 26.60 21.30 14.76
C SER A 108 26.80 21.15 13.24
N ASN A 109 26.96 19.93 12.73
CA ASN A 109 27.27 19.65 11.31
C ASN A 109 25.96 19.29 10.58
N MET A 110 25.70 19.90 9.42
CA MET A 110 24.35 19.84 8.76
C MET A 110 24.18 18.47 8.07
N LYS A 111 25.22 17.96 7.40
CA LYS A 111 25.25 16.57 6.86
C LYS A 111 25.00 15.55 7.97
N SER A 112 25.73 15.62 9.08
CA SER A 112 25.61 14.60 10.15
C SER A 112 24.27 14.72 10.88
N LYS A 113 23.64 15.90 10.89
CA LYS A 113 22.27 16.12 11.45
C LYS A 113 21.26 15.36 10.58
N GLU A 114 21.30 15.62 9.27
CA GLU A 114 20.47 14.97 8.23
C GLU A 114 20.56 13.46 8.40
N TYR A 115 21.73 12.85 8.22
CA TYR A 115 21.93 11.37 8.29
C TYR A 115 21.35 10.89 9.64
N GLY A 116 21.73 11.54 10.73
CA GLY A 116 21.24 11.20 12.09
C GLY A 116 19.73 11.13 12.16
N LYS A 117 19.02 12.13 11.61
CA LYS A 117 17.54 12.25 11.61
C LYS A 117 16.91 11.15 10.75
N VAL A 118 17.37 11.01 9.51
CA VAL A 118 16.81 10.03 8.54
C VAL A 118 16.94 8.63 9.12
N TYR A 119 18.03 8.30 9.81
CA TYR A 119 18.22 6.95 10.40
C TYR A 119 17.22 6.78 11.56
N LYS A 120 16.96 7.82 12.35
CA LYS A 120 15.92 7.82 13.42
C LYS A 120 14.57 7.44 12.81
N ILE A 121 14.22 8.05 11.67
CA ILE A 121 12.94 7.74 10.95
C ILE A 121 12.97 6.25 10.60
N HIS A 122 14.06 5.75 10.00
CA HIS A 122 14.16 4.33 9.60
C HIS A 122 14.00 3.45 10.84
N ARG A 123 14.55 3.87 11.97
CA ARG A 123 14.53 3.08 13.22
C ARG A 123 13.09 3.03 13.77
N GLU A 124 12.49 4.20 14.03
CA GLU A 124 11.06 4.35 14.47
C GLU A 124 10.12 3.52 13.57
N LEU A 125 10.24 3.67 12.24
CA LEU A 125 9.38 2.95 11.26
C LEU A 125 9.55 1.44 11.43
N SER A 126 10.76 0.91 11.28
CA SER A 126 11.01 -0.56 11.41
C SER A 126 10.51 -1.08 12.76
N LYS A 127 10.59 -0.30 13.85
CA LYS A 127 10.19 -0.76 15.21
C LYS A 127 8.66 -0.75 15.40
N GLY A 128 7.95 0.16 14.73
CA GLY A 128 6.48 0.21 14.73
C GLY A 128 5.97 1.33 15.61
N GLU A 129 6.80 2.34 15.81
CA GLU A 129 6.48 3.58 16.56
C GLU A 129 5.82 4.61 15.63
N ILE A 130 5.89 4.40 14.31
CA ILE A 130 5.23 5.26 13.29
C ILE A 130 4.84 4.40 12.09
N ASP A 131 3.82 4.85 11.35
CA ASP A 131 3.40 4.26 10.07
C ASP A 131 4.13 5.01 8.93
N VAL A 132 4.00 4.50 7.71
CA VAL A 132 4.76 4.93 6.50
C VAL A 132 4.41 6.37 6.11
N PHE A 133 3.21 6.84 6.43
CA PHE A 133 2.77 8.22 6.09
C PHE A 133 3.47 9.21 7.02
N GLU A 134 3.47 8.93 8.33
CA GLU A 134 4.24 9.66 9.37
C GLU A 134 5.70 9.75 8.89
N ALA A 135 6.29 8.60 8.55
CA ALA A 135 7.69 8.48 8.13
C ALA A 135 7.90 9.35 6.90
N SER A 136 7.10 9.11 5.87
CA SER A 136 7.25 9.79 4.56
C SER A 136 7.07 11.30 4.76
N ALA A 137 6.33 11.71 5.78
CA ALA A 137 6.12 13.13 6.17
C ALA A 137 7.37 13.65 6.89
N ASN A 138 7.99 12.85 7.77
CA ASN A 138 9.18 13.31 8.55
C ASN A 138 10.35 13.53 7.57
N ILE A 139 10.42 12.72 6.52
CA ILE A 139 11.40 12.86 5.39
C ILE A 139 11.16 14.19 4.67
N GLY A 140 9.93 14.41 4.21
CA GLY A 140 9.53 15.64 3.52
C GLY A 140 9.94 16.85 4.34
N LYS A 141 9.59 16.84 5.64
CA LYS A 141 9.90 17.92 6.63
C LYS A 141 11.40 18.19 6.64
N GLN A 142 12.22 17.13 6.64
CA GLN A 142 13.69 17.22 6.86
C GLN A 142 14.40 18.08 5.81
N ARG A 143 13.80 18.36 4.65
CA ARG A 143 14.43 19.22 3.59
C ARG A 143 15.81 18.67 3.23
N ILE A 144 15.85 17.41 2.80
CA ILE A 144 17.08 16.57 2.59
C ILE A 144 17.97 17.18 1.48
N LYS A 145 19.24 17.46 1.78
CA LYS A 145 20.19 18.10 0.83
C LYS A 145 20.86 17.03 -0.05
N THR A 146 21.37 15.96 0.58
CA THR A 146 22.40 15.04 0.02
C THR A 146 21.76 13.90 -0.79
N ALA A 147 22.35 13.56 -1.93
CA ALA A 147 22.00 12.39 -2.77
C ALA A 147 21.88 11.14 -1.90
N GLU A 148 22.80 11.00 -0.92
CA GLU A 148 22.90 9.82 -0.01
C GLU A 148 21.56 9.61 0.71
N MET A 149 21.09 10.58 1.50
CA MET A 149 19.87 10.43 2.34
C MET A 149 18.62 10.58 1.48
N ASN A 150 18.73 11.20 0.31
CA ASN A 150 17.63 11.18 -0.68
C ASN A 150 17.34 9.73 -1.05
N ILE A 151 18.39 8.98 -1.38
CA ILE A 151 18.28 7.55 -1.74
C ILE A 151 17.86 6.75 -0.50
N PHE A 152 18.45 7.04 0.65
CA PHE A 152 18.22 6.19 1.85
C PHE A 152 16.80 6.38 2.38
N SER A 153 16.24 7.57 2.29
CA SER A 153 14.86 7.85 2.76
C SER A 153 13.87 7.07 1.91
N LYS A 154 14.13 6.91 0.61
CA LYS A 154 13.32 6.03 -0.29
C LYS A 154 13.47 4.56 0.14
N MET A 155 14.68 4.18 0.54
CA MET A 155 14.98 2.78 0.95
C MET A 155 14.28 2.50 2.27
N LEU A 156 14.28 3.43 3.23
CA LEU A 156 13.68 3.11 4.56
C LEU A 156 12.18 2.79 4.39
N LEU A 157 11.53 3.44 3.41
CA LEU A 157 10.14 3.16 2.98
C LEU A 157 10.07 1.79 2.29
N MET A 158 11.01 1.48 1.40
CA MET A 158 11.02 0.14 0.75
C MET A 158 11.03 -0.97 1.80
N TYR A 159 11.70 -0.78 2.94
CA TYR A 159 11.69 -1.78 4.04
C TYR A 159 10.26 -1.90 4.60
N ASP A 160 9.56 -0.80 4.84
CA ASP A 160 8.18 -0.92 5.38
C ASP A 160 7.27 -1.58 4.33
N CYS A 161 7.40 -1.19 3.06
CA CYS A 161 6.69 -1.86 1.93
C CYS A 161 6.98 -3.37 2.02
N LEU A 162 8.24 -3.77 2.11
CA LEU A 162 8.61 -5.21 2.21
C LEU A 162 7.88 -5.87 3.37
N ASN A 163 7.79 -5.24 4.54
CA ASN A 163 7.07 -5.87 5.68
C ASN A 163 5.61 -6.13 5.34
N LYS A 164 4.99 -5.31 4.50
CA LYS A 164 3.54 -5.43 4.27
C LYS A 164 3.29 -6.17 2.94
N GLY A 165 4.31 -6.80 2.37
CA GLY A 165 4.18 -7.63 1.16
C GLY A 165 4.05 -6.85 -0.14
N ASN A 166 3.99 -5.51 -0.07
CA ASN A 166 3.49 -4.60 -1.13
C ASN A 166 4.50 -4.37 -2.25
N PHE A 167 4.47 -5.19 -3.30
CA PHE A 167 5.38 -5.13 -4.46
C PHE A 167 5.19 -3.79 -5.20
N ALA A 168 4.00 -3.44 -5.66
CA ALA A 168 3.82 -2.29 -6.58
C ALA A 168 4.52 -1.04 -6.06
N PRO A 169 4.30 -0.61 -4.79
CA PRO A 169 4.91 0.64 -4.30
C PRO A 169 6.43 0.51 -4.03
N MET A 170 6.88 -0.66 -3.56
CA MET A 170 8.33 -0.96 -3.44
C MET A 170 9.01 -0.64 -4.77
N MET A 171 8.51 -1.17 -5.89
CA MET A 171 9.16 -1.05 -7.22
C MET A 171 9.10 0.40 -7.69
N LEU A 172 8.06 1.11 -7.27
CA LEU A 172 7.87 2.55 -7.55
C LEU A 172 9.00 3.36 -6.90
N LEU A 173 9.30 3.08 -5.63
CA LEU A 173 10.41 3.73 -4.89
C LEU A 173 11.75 3.31 -5.51
N PHE A 174 11.89 2.04 -5.88
CA PHE A 174 13.11 1.48 -6.50
C PHE A 174 13.38 2.16 -7.84
N GLN A 175 12.36 2.41 -8.65
CA GLN A 175 12.55 3.07 -9.97
C GLN A 175 13.20 4.43 -9.81
N GLN A 176 13.07 5.05 -8.64
CA GLN A 176 13.45 6.47 -8.39
C GLN A 176 14.88 6.56 -7.84
N ILE A 177 15.51 5.42 -7.60
CA ILE A 177 16.90 5.38 -7.06
C ILE A 177 17.88 5.31 -8.23
N ASP A 178 18.85 6.24 -8.27
CA ASP A 178 20.06 6.17 -9.14
C ASP A 178 21.27 6.29 -8.22
N LEU A 179 21.87 5.15 -7.86
CA LEU A 179 23.00 5.07 -6.90
C LEU A 179 24.21 5.86 -7.43
N SER A 180 24.32 6.09 -8.74
CA SER A 180 25.38 6.92 -9.38
C SER A 180 25.26 8.41 -9.02
N GLU A 181 24.27 8.80 -8.21
CA GLU A 181 24.23 10.15 -7.59
C GLU A 181 25.17 10.18 -6.39
N ILE A 182 25.44 9.04 -5.77
CA ILE A 182 26.28 8.99 -4.55
C ILE A 182 27.72 9.13 -5.03
N LYS A 183 28.33 10.26 -4.68
CA LYS A 183 29.66 10.75 -5.15
C LYS A 183 30.61 10.93 -3.97
N GLU A 184 30.11 11.58 -2.90
CA GLU A 184 30.80 11.76 -1.60
C GLU A 184 31.19 10.38 -1.09
N ASN A 185 30.24 9.53 -0.73
CA ASN A 185 30.55 8.39 0.17
C ASN A 185 30.38 7.06 -0.55
N ARG A 186 31.48 6.48 -1.06
CA ARG A 186 31.42 5.21 -1.83
CA ARG A 186 31.45 5.20 -1.83
C ARG A 186 31.15 4.04 -0.87
N TYR A 187 31.38 4.19 0.44
CA TYR A 187 31.07 3.09 1.40
C TYR A 187 29.55 2.92 1.40
N LEU A 188 28.80 4.00 1.59
CA LEU A 188 27.31 3.98 1.55
C LEU A 188 26.85 3.44 0.20
N LYS A 189 27.39 3.97 -0.90
CA LYS A 189 26.91 3.59 -2.25
C LYS A 189 26.94 2.07 -2.34
N ASN A 190 28.06 1.45 -1.90
CA ASN A 190 28.24 -0.02 -2.00
C ASN A 190 27.33 -0.70 -0.97
N SER A 191 27.26 -0.21 0.27
CA SER A 191 26.36 -0.82 1.30
C SER A 191 24.88 -0.75 0.84
N PHE A 192 24.46 0.33 0.17
CA PHE A 192 23.06 0.51 -0.32
C PHE A 192 22.81 -0.43 -1.50
N GLU A 193 23.79 -0.65 -2.37
CA GLU A 193 23.65 -1.62 -3.49
C GLU A 193 23.31 -2.99 -2.87
N THR A 194 23.95 -3.37 -1.77
CA THR A 194 23.69 -4.68 -1.10
C THR A 194 22.26 -4.68 -0.59
N ARG A 195 21.81 -3.60 0.06
CA ARG A 195 20.45 -3.47 0.65
C ARG A 195 19.40 -3.61 -0.44
N ILE A 196 19.55 -2.88 -1.54
CA ILE A 196 18.57 -2.90 -2.67
C ILE A 196 18.48 -4.35 -3.16
N ASN A 197 19.62 -4.97 -3.44
CA ASN A 197 19.63 -6.35 -4.00
C ASN A 197 18.98 -7.28 -2.99
N VAL A 198 19.17 -7.10 -1.69
CA VAL A 198 18.52 -8.02 -0.71
C VAL A 198 17.02 -7.79 -0.71
N LEU A 199 16.60 -6.54 -0.63
CA LEU A 199 15.21 -6.10 -0.76
C LEU A 199 14.56 -6.72 -2.00
N LEU A 200 15.14 -6.53 -3.19
CA LEU A 200 14.53 -7.06 -4.43
C LEU A 200 14.39 -8.57 -4.27
N SER A 201 15.42 -9.20 -3.74
CA SER A 201 15.47 -10.65 -3.49
C SER A 201 14.29 -11.10 -2.64
N ASN A 202 14.00 -10.44 -1.52
CA ASN A 202 12.93 -10.87 -0.60
C ASN A 202 11.56 -10.56 -1.23
N ILE A 203 11.41 -9.49 -1.99
CA ILE A 203 10.05 -9.18 -2.48
C ILE A 203 9.79 -10.19 -3.58
N TYR A 204 10.77 -10.56 -4.41
CA TYR A 204 10.50 -11.52 -5.52
C TYR A 204 10.21 -12.94 -4.97
N LEU A 205 10.92 -13.38 -3.95
CA LEU A 205 10.56 -14.65 -3.26
C LEU A 205 9.09 -14.58 -2.80
N ASN A 206 8.69 -13.45 -2.22
CA ASN A 206 7.33 -13.28 -1.64
C ASN A 206 6.29 -13.30 -2.78
N GLU A 207 6.61 -12.72 -3.94
CA GLU A 207 5.81 -12.71 -5.18
C GLU A 207 6.00 -14.01 -5.93
N ASN A 208 6.57 -14.98 -5.22
CA ASN A 208 6.81 -16.35 -5.72
C ASN A 208 7.43 -16.33 -7.12
N ASN A 209 8.40 -15.44 -7.34
CA ASN A 209 9.25 -15.36 -8.56
C ASN A 209 10.68 -15.75 -8.21
N LEU A 210 10.95 -17.06 -8.30
CA LEU A 210 12.10 -17.75 -7.73
C LEU A 210 13.38 -17.46 -8.52
N GLU A 211 13.36 -17.36 -9.84
CA GLU A 211 14.62 -17.19 -10.60
C GLU A 211 15.16 -15.77 -10.35
N LEU A 212 14.34 -14.74 -10.36
CA LEU A 212 14.81 -13.34 -10.11
C LEU A 212 15.30 -13.23 -8.67
N CYS A 213 14.57 -13.86 -7.78
CA CYS A 213 14.86 -13.86 -6.33
C CYS A 213 16.30 -14.34 -6.12
N ARG A 214 16.71 -15.40 -6.79
CA ARG A 214 18.08 -15.91 -6.68
C ARG A 214 19.07 -14.96 -7.35
N GLU A 215 18.79 -14.53 -8.58
CA GLU A 215 19.62 -13.54 -9.30
C GLU A 215 20.00 -12.40 -8.33
N TYR A 216 19.05 -11.87 -7.58
CA TYR A 216 19.27 -10.69 -6.71
C TYR A 216 19.95 -11.11 -5.40
N ALA A 217 19.58 -12.24 -4.81
CA ALA A 217 20.27 -12.83 -3.63
C ALA A 217 21.78 -13.03 -3.92
N GLN A 218 22.11 -13.49 -5.13
CA GLN A 218 23.50 -13.73 -5.57
C GLN A 218 24.20 -12.38 -5.77
N LYS A 219 23.57 -11.39 -6.43
CA LYS A 219 24.22 -10.06 -6.58
C LYS A 219 24.58 -9.54 -5.18
N ALA A 220 23.65 -9.69 -4.22
CA ALA A 220 23.86 -9.25 -2.83
C ALA A 220 25.13 -9.94 -2.28
N ILE A 221 25.27 -11.24 -2.47
CA ILE A 221 26.38 -12.06 -1.92
C ILE A 221 27.71 -11.68 -2.58
N SER A 222 27.73 -11.52 -3.91
CA SER A 222 28.91 -11.00 -4.67
C SER A 222 29.43 -9.71 -4.05
N SER A 223 28.59 -8.90 -3.47
CA SER A 223 28.83 -7.45 -3.27
C SER A 223 29.13 -7.17 -1.79
N THR A 224 29.15 -8.16 -0.90
CA THR A 224 29.13 -7.91 0.57
C THR A 224 29.96 -8.94 1.33
N ASP A 225 30.38 -8.54 2.52
CA ASP A 225 31.02 -9.42 3.52
C ASP A 225 30.26 -9.25 4.83
N THR A 226 29.10 -8.58 4.81
CA THR A 226 28.32 -8.32 6.04
C THR A 226 27.53 -9.58 6.39
N GLN A 227 27.71 -10.08 7.60
CA GLN A 227 27.12 -11.37 8.04
C GLN A 227 25.62 -11.35 7.75
N ARG A 228 24.90 -10.33 8.22
CA ARG A 228 23.42 -10.25 8.15
C ARG A 228 22.97 -10.43 6.69
N PHE A 229 23.55 -9.71 5.74
CA PHE A 229 23.14 -9.84 4.32
C PHE A 229 23.52 -11.21 3.74
N LEU A 230 24.71 -11.73 4.08
CA LEU A 230 25.07 -13.10 3.67
C LEU A 230 24.05 -14.11 4.22
N VAL A 231 23.71 -14.03 5.51
CA VAL A 231 22.83 -15.05 6.15
C VAL A 231 21.50 -15.04 5.39
N PHE A 232 20.84 -13.89 5.33
CA PHE A 232 19.52 -13.73 4.69
C PHE A 232 19.58 -14.11 3.20
N SER A 233 20.62 -13.75 2.44
CA SER A 233 20.66 -14.10 1.00
C SER A 233 20.67 -15.62 0.85
N TYR A 234 21.43 -16.34 1.67
CA TYR A 234 21.54 -17.81 1.57
C TYR A 234 20.23 -18.42 2.03
N LEU A 235 19.63 -17.89 3.09
CA LEU A 235 18.29 -18.33 3.55
C LEU A 235 17.30 -18.18 2.39
N THR A 236 17.28 -17.00 1.77
CA THR A 236 16.35 -16.71 0.64
C THR A 236 16.63 -17.68 -0.50
N ILE A 237 17.90 -17.97 -0.83
CA ILE A 237 18.19 -18.93 -1.94
C ILE A 237 17.72 -20.31 -1.50
N GLY A 238 17.97 -20.66 -0.26
CA GLY A 238 17.60 -21.97 0.30
C GLY A 238 16.12 -22.20 0.13
N THR A 239 15.32 -21.22 0.53
CA THR A 239 13.85 -21.25 0.45
C THR A 239 13.43 -21.26 -1.02
N SER A 240 14.09 -20.53 -1.90
CA SER A 240 13.75 -20.51 -3.34
C SER A 240 13.79 -21.91 -3.95
N TYR A 241 14.41 -22.90 -3.29
CA TYR A 241 14.69 -24.24 -3.87
C TYR A 241 13.90 -25.35 -3.15
N ILE A 242 13.22 -25.01 -2.04
CA ILE A 242 12.50 -26.00 -1.21
C ILE A 242 11.70 -26.96 -2.08
N PHE A 243 10.97 -26.50 -3.08
CA PHE A 243 10.01 -27.34 -3.84
C PHE A 243 10.65 -27.90 -5.11
N SER A 244 11.74 -27.32 -5.61
CA SER A 244 12.26 -27.68 -6.96
C SER A 244 13.54 -28.55 -6.90
N ASP A 245 14.35 -28.45 -5.86
CA ASP A 245 15.73 -29.04 -5.89
C ASP A 245 16.32 -29.16 -4.47
N PHE A 246 16.25 -30.37 -3.92
CA PHE A 246 16.54 -30.65 -2.49
C PHE A 246 18.02 -30.35 -2.21
N ASN A 247 18.91 -30.66 -3.13
CA ASN A 247 20.37 -30.53 -2.87
C ASN A 247 20.73 -29.06 -2.87
N LEU A 248 20.29 -28.30 -3.87
CA LEU A 248 20.57 -26.84 -3.92
C LEU A 248 19.93 -26.17 -2.71
N SER A 249 18.80 -26.67 -2.24
CA SER A 249 18.14 -26.09 -1.04
C SER A 249 19.06 -26.34 0.15
N LYS A 250 19.37 -27.60 0.43
CA LYS A 250 20.27 -28.01 1.55
C LYS A 250 21.64 -27.34 1.48
N GLN A 251 22.20 -27.26 0.28
CA GLN A 251 23.54 -26.66 0.07
C GLN A 251 23.51 -25.20 0.51
N ASN A 252 22.57 -24.42 0.01
CA ASN A 252 22.49 -22.96 0.30
C ASN A 252 22.17 -22.77 1.79
N TYR A 253 21.31 -23.58 2.36
CA TYR A 253 21.03 -23.49 3.82
C TYR A 253 22.32 -23.76 4.61
N LEU A 254 23.03 -24.85 4.32
CA LEU A 254 24.30 -25.20 5.04
C LEU A 254 25.32 -24.04 4.88
N ILE A 255 25.54 -23.50 3.68
CA ILE A 255 26.44 -22.32 3.52
C ILE A 255 25.98 -21.21 4.46
N GLY A 256 24.70 -20.86 4.45
CA GLY A 256 24.18 -19.81 5.33
C GLY A 256 24.37 -20.16 6.80
N LEU A 257 24.30 -21.43 7.16
CA LEU A 257 24.57 -21.84 8.57
C LEU A 257 26.05 -21.57 8.95
N LYS A 258 27.01 -21.87 8.07
CA LYS A 258 28.44 -21.54 8.29
C LYS A 258 28.47 -20.03 8.59
N PHE A 259 27.95 -19.17 7.70
CA PHE A 259 28.10 -17.70 7.83
C PHE A 259 27.41 -17.20 9.10
N ALA A 260 26.52 -17.97 9.71
CA ALA A 260 25.80 -17.52 10.93
C ALA A 260 26.52 -17.98 12.20
N LYS A 261 27.68 -18.65 12.12
CA LYS A 261 28.46 -19.09 13.31
C LYS A 261 28.42 -18.01 14.41
N GLY A 262 28.01 -18.39 15.62
CA GLY A 262 27.91 -17.53 16.81
C GLY A 262 26.94 -16.38 16.60
N ASN A 263 25.72 -16.73 16.21
CA ASN A 263 24.50 -15.89 16.36
C ASN A 263 23.33 -16.87 16.42
N PRO A 264 23.10 -17.53 17.58
CA PRO A 264 22.06 -18.54 17.71
C PRO A 264 20.75 -18.21 16.99
N GLY A 265 20.32 -16.94 17.03
CA GLY A 265 19.13 -16.41 16.32
C GLY A 265 19.20 -16.71 14.83
N PHE A 266 20.29 -16.31 14.15
CA PHE A 266 20.54 -16.58 12.72
C PHE A 266 20.65 -18.08 12.47
N GLU A 267 21.30 -18.83 13.37
CA GLU A 267 21.54 -20.30 13.21
C GLU A 267 20.20 -21.06 13.28
N GLU A 268 19.26 -20.64 14.13
CA GLU A 268 17.93 -21.31 14.25
C GLU A 268 17.14 -21.21 12.95
N PHE A 269 17.21 -20.09 12.23
CA PHE A 269 16.54 -19.97 10.91
C PHE A 269 16.94 -21.16 10.08
N PHE A 270 18.25 -21.45 9.99
CA PHE A 270 18.76 -22.52 9.11
C PHE A 270 18.36 -23.89 9.65
N LYS A 271 18.44 -24.07 10.96
CA LYS A 271 18.16 -25.38 11.59
C LYS A 271 16.70 -25.72 11.32
N ARG A 272 15.80 -24.79 11.61
CA ARG A 272 14.34 -25.00 11.39
C ARG A 272 14.06 -25.24 9.91
N ASN A 273 14.69 -24.51 9.01
CA ASN A 273 14.43 -24.72 7.56
C ASN A 273 14.96 -26.09 7.14
N LEU A 274 16.14 -26.48 7.61
CA LEU A 274 16.72 -27.77 7.23
C LEU A 274 15.85 -28.86 7.82
N SER A 275 15.36 -28.68 9.04
CA SER A 275 14.38 -29.61 9.67
C SER A 275 13.22 -29.83 8.70
N PHE A 276 12.62 -28.77 8.20
CA PHE A 276 11.45 -28.87 7.32
C PHE A 276 11.87 -29.45 5.99
N LEU A 277 12.95 -28.96 5.37
CA LEU A 277 13.37 -29.47 4.04
C LEU A 277 13.49 -30.99 4.12
N ASN A 278 14.20 -31.51 5.11
CA ASN A 278 14.44 -32.98 5.22
C ASN A 278 13.12 -33.71 5.45
N ASN A 279 12.23 -33.23 6.30
CA ASN A 279 10.95 -33.92 6.54
C ASN A 279 10.15 -33.90 5.23
N PHE A 280 10.15 -32.77 4.55
CA PHE A 280 9.38 -32.61 3.30
C PHE A 280 9.88 -33.60 2.27
N TRP A 281 11.16 -33.84 2.15
CA TRP A 281 11.70 -34.71 1.07
C TRP A 281 11.83 -36.14 1.55
N ASN A 282 11.41 -36.40 2.80
CA ASN A 282 11.39 -37.76 3.42
C ASN A 282 12.83 -38.27 3.52
N LYS A 283 13.71 -37.50 4.17
CA LYS A 283 15.14 -37.82 4.37
C LYS A 283 15.41 -37.99 5.87
N GLU A 284 16.45 -38.72 6.26
CA GLU A 284 16.86 -38.77 7.69
C GLU A 284 17.17 -37.34 8.12
N ASN A 285 16.64 -36.94 9.27
CA ASN A 285 16.56 -35.52 9.67
C ASN A 285 17.27 -35.33 11.01
N GLU A 286 18.42 -34.70 11.01
CA GLU A 286 19.24 -34.56 12.24
C GLU A 286 18.87 -33.25 12.95
N TRP A 287 18.11 -32.38 12.28
CA TRP A 287 17.83 -30.99 12.72
C TRP A 287 16.65 -30.92 13.68
N ILE A 288 15.91 -31.99 13.93
CA ILE A 288 14.69 -31.88 14.77
C ILE A 288 15.09 -31.47 16.19
N ASN A 289 14.26 -30.68 16.88
CA ASN A 289 14.39 -30.35 18.32
C ASN A 289 13.27 -31.05 19.11
N TYR A 290 13.54 -32.21 19.70
CA TYR A 290 12.54 -33.06 20.39
C TYR A 290 12.16 -32.44 21.75
N ASP A 291 12.85 -31.39 22.17
CA ASP A 291 12.77 -30.78 23.53
C ASP A 291 11.92 -29.49 23.54
N SER A 292 11.55 -28.97 22.39
CA SER A 292 10.99 -27.60 22.21
C SER A 292 9.46 -27.62 22.37
N ASP A 293 8.92 -26.70 23.19
CA ASP A 293 7.49 -26.37 23.29
C ASP A 293 7.02 -25.67 22.00
N ALA A 294 7.91 -25.07 21.22
CA ALA A 294 7.52 -24.21 20.08
C ALA A 294 6.72 -25.04 19.08
N VAL A 295 5.53 -24.55 18.73
CA VAL A 295 4.58 -25.23 17.80
C VAL A 295 5.34 -25.66 16.54
N THR A 296 6.15 -24.79 15.96
CA THR A 296 6.92 -25.15 14.73
C THR A 296 7.80 -26.39 14.98
N ASP A 297 8.43 -26.52 16.14
CA ASP A 297 9.36 -27.66 16.37
C ASP A 297 8.50 -28.90 16.60
N MET A 298 7.45 -28.79 17.38
CA MET A 298 6.54 -29.94 17.64
C MET A 298 5.91 -30.39 16.30
N GLN A 299 5.75 -29.51 15.33
CA GLN A 299 5.17 -29.90 14.03
C GLN A 299 6.17 -30.78 13.29
N GLU A 300 7.45 -30.43 13.36
CA GLU A 300 8.48 -31.18 12.63
C GLU A 300 8.64 -32.55 13.31
N VAL A 301 8.36 -32.68 14.61
CA VAL A 301 8.47 -34.04 15.18
C VAL A 301 7.29 -34.82 14.63
N ILE A 302 6.10 -34.24 14.59
CA ILE A 302 4.90 -34.89 13.97
C ILE A 302 5.25 -35.27 12.53
N PHE A 303 5.83 -34.36 11.76
CA PHE A 303 6.09 -34.62 10.31
C PHE A 303 7.02 -35.81 10.15
N GLU A 304 8.06 -35.94 11.01
CA GLU A 304 8.98 -37.12 11.02
C GLU A 304 8.18 -38.40 11.33
N LEU A 305 7.39 -38.43 12.41
CA LEU A 305 6.48 -39.56 12.73
C LEU A 305 5.69 -39.98 11.49
N ILE A 306 5.14 -39.02 10.76
CA ILE A 306 4.32 -39.31 9.55
C ILE A 306 5.21 -40.00 8.52
N ASN A 307 6.40 -39.47 8.30
CA ASN A 307 7.36 -40.10 7.36
C ASN A 307 7.74 -41.51 7.83
N HIS A 308 7.81 -41.79 9.14
CA HIS A 308 8.09 -43.14 9.71
C HIS A 308 6.83 -44.00 9.85
N LYS A 309 5.72 -43.62 9.22
CA LYS A 309 4.44 -44.37 9.21
C LYS A 309 3.92 -44.57 10.64
N GLU A 310 4.23 -43.70 11.59
CA GLU A 310 3.70 -43.78 12.98
C GLU A 310 2.45 -42.92 13.05
N LEU A 311 1.47 -43.22 12.22
CA LEU A 311 0.30 -42.36 11.94
C LEU A 311 -0.51 -42.13 13.23
N SER A 312 -0.69 -43.14 14.04
CA SER A 312 -1.54 -43.08 15.25
C SER A 312 -0.87 -42.19 16.29
N LYS A 313 0.45 -42.27 16.45
CA LYS A 313 1.20 -41.45 17.42
C LYS A 313 1.22 -40.00 16.90
N ALA A 314 1.38 -39.81 15.59
CA ALA A 314 1.33 -38.49 14.92
C ALA A 314 -0.06 -37.87 15.15
N LEU A 315 -1.12 -38.63 14.95
CA LEU A 315 -2.48 -38.07 15.11
C LEU A 315 -2.70 -37.78 16.60
N GLN A 316 -2.26 -38.62 17.52
CA GLN A 316 -2.41 -38.32 18.97
C GLN A 316 -1.78 -36.95 19.25
N LEU A 317 -0.57 -36.68 18.72
CA LEU A 317 0.21 -35.46 19.06
C LEU A 317 -0.43 -34.24 18.39
N LEU A 318 -0.83 -34.37 17.14
CA LEU A 318 -1.54 -33.30 16.39
C LEU A 318 -2.79 -32.89 17.16
N ASN A 319 -3.53 -33.84 17.73
CA ASN A 319 -4.82 -33.52 18.42
C ASN A 319 -4.52 -32.84 19.75
N LYS A 320 -3.33 -33.02 20.32
CA LYS A 320 -2.91 -32.31 21.56
C LYS A 320 -2.62 -30.84 21.21
N LEU A 321 -2.02 -30.61 20.05
CA LEU A 321 -1.67 -29.26 19.55
C LEU A 321 -2.93 -28.45 19.23
N GLU A 322 -4.05 -29.08 18.87
CA GLU A 322 -5.33 -28.35 18.60
C GLU A 322 -5.76 -27.63 19.89
N GLU A 323 -5.47 -28.20 21.05
CA GLU A 323 -5.82 -27.64 22.38
C GLU A 323 -5.03 -26.35 22.68
N ARG A 324 -4.34 -25.78 21.69
CA ARG A 324 -3.25 -24.80 21.91
C ARG A 324 -3.35 -23.61 20.94
N ASP A 325 -3.25 -22.37 21.45
CA ASP A 325 -3.32 -21.14 20.61
C ASP A 325 -2.27 -21.20 19.51
N GLN A 326 -2.68 -21.22 18.25
CA GLN A 326 -1.76 -21.17 17.09
C GLN A 326 -2.21 -20.04 16.17
N ASN A 327 -1.27 -19.33 15.57
CA ASN A 327 -1.57 -18.30 14.57
C ASN A 327 -2.04 -19.05 13.31
N GLU A 328 -2.42 -18.32 12.27
CA GLU A 328 -3.07 -18.89 11.08
C GLU A 328 -2.02 -19.70 10.32
N ASN A 329 -0.81 -19.17 10.16
CA ASN A 329 0.26 -19.85 9.38
C ASN A 329 0.61 -21.18 10.05
N GLU A 330 0.44 -21.28 11.36
CA GLU A 330 0.69 -22.55 12.09
C GLU A 330 -0.43 -23.53 11.79
N LEU A 331 -1.69 -23.11 11.89
CA LEU A 331 -2.88 -23.95 11.56
C LEU A 331 -2.83 -24.38 10.09
N GLY A 332 -2.29 -23.57 9.21
CA GLY A 332 -2.03 -24.00 7.83
C GLY A 332 -1.22 -25.28 7.80
N PHE A 333 -0.16 -25.35 8.62
CA PHE A 333 0.77 -26.51 8.61
C PHE A 333 0.10 -27.65 9.40
N HIS A 334 -0.62 -27.30 10.45
CA HIS A 334 -1.40 -28.30 11.23
C HIS A 334 -2.32 -29.14 10.33
N TYR A 335 -3.17 -28.48 9.54
CA TYR A 335 -4.22 -29.14 8.72
C TYR A 335 -3.49 -29.83 7.57
N TYR A 336 -2.36 -29.30 7.11
CA TYR A 336 -1.57 -30.01 6.06
C TYR A 336 -1.08 -31.34 6.64
N LEU A 337 -0.55 -31.36 7.86
CA LEU A 337 -0.10 -32.63 8.48
C LEU A 337 -1.31 -33.54 8.77
N LYS A 338 -2.41 -32.99 9.31
CA LYS A 338 -3.66 -33.77 9.51
C LYS A 338 -4.10 -34.34 8.15
N GLY A 339 -3.88 -33.59 7.09
CA GLY A 339 -4.12 -34.05 5.71
C GLY A 339 -3.27 -35.26 5.35
N LEU A 340 -1.96 -35.18 5.55
CA LEU A 340 -1.02 -36.28 5.19
C LEU A 340 -1.42 -37.55 5.95
N ILE A 341 -1.83 -37.47 7.21
CA ILE A 341 -2.24 -38.66 8.01
C ILE A 341 -3.59 -39.24 7.54
N THR A 342 -4.62 -38.42 7.44
CA THR A 342 -6.03 -38.89 7.20
C THR A 342 -6.40 -38.98 5.71
N ASN A 343 -5.64 -38.37 4.79
CA ASN A 343 -5.98 -38.31 3.34
C ASN A 343 -7.39 -37.69 3.14
N GLU A 344 -7.88 -36.90 4.09
CA GLU A 344 -9.16 -36.16 4.00
C GLU A 344 -8.90 -34.84 3.27
N LYS A 345 -9.45 -34.66 2.06
CA LYS A 345 -9.57 -33.35 1.34
C LYS A 345 -9.93 -32.18 2.27
N GLU A 346 -10.84 -32.35 3.23
CA GLU A 346 -11.31 -31.23 4.07
C GLU A 346 -10.08 -30.61 4.77
N ALA A 347 -9.22 -31.45 5.37
CA ALA A 347 -7.99 -31.00 6.06
C ALA A 347 -7.15 -30.17 5.10
N PHE A 348 -6.97 -30.62 3.86
CA PHE A 348 -6.16 -29.86 2.89
C PHE A 348 -6.84 -28.53 2.55
N PHE A 349 -8.17 -28.51 2.45
CA PHE A 349 -8.92 -27.26 2.15
C PHE A 349 -8.69 -26.26 3.29
N LYS A 350 -8.77 -26.70 4.55
CA LYS A 350 -8.48 -25.79 5.68
C LYS A 350 -7.03 -25.29 5.58
N SER A 351 -6.09 -26.19 5.24
CA SER A 351 -4.66 -25.84 5.13
C SER A 351 -4.59 -24.75 4.09
N VAL A 352 -5.12 -24.98 2.90
CA VAL A 352 -5.08 -23.91 1.86
C VAL A 352 -5.69 -22.62 2.43
N GLU A 353 -6.79 -22.71 3.15
CA GLU A 353 -7.50 -21.48 3.59
C GLU A 353 -6.61 -20.72 4.56
N TYR A 354 -6.03 -21.41 5.55
CA TYR A 354 -5.19 -20.78 6.61
C TYR A 354 -3.96 -20.17 5.97
N PHE A 355 -3.30 -20.86 5.06
CA PHE A 355 -2.14 -20.25 4.36
C PHE A 355 -2.63 -19.01 3.61
N LYS A 356 -3.80 -19.05 2.99
CA LYS A 356 -4.34 -17.91 2.19
C LYS A 356 -4.53 -16.73 3.13
N ALA A 357 -5.16 -16.94 4.28
CA ALA A 357 -5.36 -15.90 5.29
C ALA A 357 -4.02 -15.36 5.83
N SER A 358 -2.98 -16.17 5.93
CA SER A 358 -1.69 -15.69 6.49
C SER A 358 -0.85 -15.07 5.36
N GLN A 359 -1.36 -14.99 4.13
CA GLN A 359 -0.60 -14.34 3.02
C GLN A 359 0.72 -15.07 2.81
N ASP A 360 0.72 -16.38 2.97
CA ASP A 360 1.92 -17.18 2.73
C ASP A 360 1.80 -17.73 1.31
N LYS A 361 2.41 -17.10 0.33
CA LYS A 361 2.34 -17.57 -1.06
C LYS A 361 3.22 -18.79 -1.29
N LEU A 362 3.91 -19.34 -0.29
CA LEU A 362 4.83 -20.49 -0.56
C LEU A 362 4.33 -21.80 0.06
N SER A 363 3.99 -21.79 1.34
CA SER A 363 3.44 -22.96 2.05
C SER A 363 2.15 -23.43 1.36
N ILE A 364 1.34 -22.52 0.81
CA ILE A 364 0.02 -22.83 0.20
C ILE A 364 0.26 -23.89 -0.89
N LYS A 365 1.39 -23.86 -1.61
CA LYS A 365 1.64 -24.89 -2.64
C LYS A 365 1.58 -26.32 -2.04
N MET A 366 1.87 -26.50 -0.76
CA MET A 366 1.93 -27.84 -0.12
C MET A 366 0.58 -28.52 -0.19
N PRO A 367 -0.49 -27.96 0.42
CA PRO A 367 -1.81 -28.60 0.39
C PRO A 367 -2.37 -28.58 -1.03
N LEU A 368 -2.00 -27.59 -1.83
CA LEU A 368 -2.48 -27.60 -3.22
C LEU A 368 -1.92 -28.79 -3.99
N ILE A 369 -0.68 -29.23 -3.71
CA ILE A 369 -0.11 -30.38 -4.48
C ILE A 369 -0.90 -31.63 -4.07
N GLN A 370 -1.16 -31.84 -2.77
CA GLN A 370 -1.94 -32.99 -2.28
C GLN A 370 -3.34 -32.96 -2.94
N LEU A 371 -4.01 -31.80 -3.01
CA LEU A 371 -5.36 -31.74 -3.60
C LEU A 371 -5.30 -32.10 -5.08
N GLU A 372 -4.25 -31.75 -5.81
CA GLU A 372 -4.13 -32.14 -7.23
C GLU A 372 -3.97 -33.67 -7.32
N LYS A 373 -3.26 -34.32 -6.39
CA LYS A 373 -3.08 -35.81 -6.42
C LYS A 373 -4.42 -36.49 -6.13
N MET A 374 -5.19 -35.95 -5.21
CA MET A 374 -6.51 -36.52 -4.83
C MET A 374 -7.53 -36.24 -5.93
N GLY A 375 -7.19 -35.49 -6.98
CA GLY A 375 -8.03 -35.42 -8.19
C GLY A 375 -8.82 -34.15 -8.35
N GLU A 376 -8.62 -33.12 -7.50
CA GLU A 376 -9.29 -31.80 -7.60
C GLU A 376 -8.83 -31.01 -8.82
N ASN A 377 -9.71 -30.14 -9.34
CA ASN A 377 -9.47 -29.51 -10.66
C ASN A 377 -8.18 -28.73 -10.58
N PRO A 378 -7.15 -29.06 -11.39
CA PRO A 378 -5.88 -28.34 -11.38
C PRO A 378 -6.00 -26.88 -11.78
N ARG A 379 -6.87 -26.62 -12.76
CA ARG A 379 -7.08 -25.25 -13.28
C ARG A 379 -7.66 -24.38 -12.17
N LEU A 380 -8.53 -24.92 -11.32
CA LEU A 380 -9.05 -24.17 -10.15
C LEU A 380 -7.94 -23.97 -9.14
N LEU A 381 -7.19 -25.01 -8.81
CA LEU A 381 -6.14 -24.89 -7.76
C LEU A 381 -5.14 -23.82 -8.18
N LYS A 382 -4.84 -23.71 -9.47
CA LYS A 382 -3.92 -22.67 -9.98
C LYS A 382 -4.56 -21.29 -9.72
N ILE A 383 -5.87 -21.13 -10.00
CA ILE A 383 -6.56 -19.83 -9.79
C ILE A 383 -6.44 -19.42 -8.31
N ILE A 384 -6.53 -20.34 -7.37
CA ILE A 384 -6.40 -19.99 -5.93
C ILE A 384 -5.06 -19.29 -5.63
N THR A 385 -3.99 -19.51 -6.38
CA THR A 385 -2.65 -18.97 -6.01
C THR A 385 -2.37 -17.70 -6.80
N MET A 386 -3.33 -17.19 -7.57
CA MET A 386 -3.10 -15.95 -8.35
C MET A 386 -3.59 -14.75 -7.53
N MET B 1 -19.87 44.06 -8.86
CA MET B 1 -20.94 43.46 -8.00
C MET B 1 -21.24 42.05 -8.54
N GLU B 2 -21.45 41.09 -7.63
CA GLU B 2 -21.59 39.65 -7.95
C GLU B 2 -23.01 39.38 -8.48
N LEU B 3 -23.15 38.51 -9.50
CA LEU B 3 -24.43 38.12 -10.16
C LEU B 3 -25.47 37.73 -9.09
N ILE B 4 -25.03 37.00 -8.06
CA ILE B 4 -25.85 36.48 -6.93
C ILE B 4 -26.51 37.66 -6.20
N ARG B 5 -25.77 38.76 -6.00
CA ARG B 5 -26.30 39.96 -5.31
C ARG B 5 -27.21 40.73 -6.26
N ILE B 6 -26.93 40.76 -7.56
CA ILE B 6 -27.78 41.40 -8.63
C ILE B 6 -29.13 40.69 -8.65
N ALA B 7 -29.12 39.36 -8.73
CA ALA B 7 -30.35 38.54 -8.89
C ALA B 7 -31.18 38.54 -7.60
N MET B 8 -30.56 38.62 -6.40
CA MET B 8 -31.24 38.71 -5.07
C MET B 8 -31.90 40.09 -4.91
N LYS B 9 -31.23 41.12 -5.41
CA LYS B 9 -31.69 42.53 -5.34
C LYS B 9 -32.91 42.68 -6.27
N LYS B 10 -32.85 42.10 -7.48
CA LYS B 10 -33.93 42.12 -8.50
C LYS B 10 -35.19 41.45 -7.91
N ASP B 11 -35.03 40.27 -7.28
CA ASP B 11 -36.15 39.41 -6.80
C ASP B 11 -36.82 40.06 -5.57
N LEU B 12 -36.06 40.78 -4.74
CA LEU B 12 -36.54 41.35 -3.44
C LEU B 12 -37.39 42.60 -3.72
N GLU B 13 -37.09 43.28 -4.81
CA GLU B 13 -37.82 44.46 -5.33
C GLU B 13 -39.25 43.99 -5.69
N ASN B 14 -39.45 42.70 -6.00
CA ASN B 14 -40.77 42.10 -6.41
C ASN B 14 -41.53 41.50 -5.23
N ASP B 15 -40.85 40.69 -4.39
CA ASP B 15 -41.41 39.97 -3.21
C ASP B 15 -40.60 40.39 -1.98
N ASN B 16 -41.18 41.26 -1.16
CA ASN B 16 -40.53 41.95 -0.01
C ASN B 16 -40.66 41.15 1.29
N SER B 17 -40.87 39.85 1.21
CA SER B 17 -40.92 38.93 2.38
C SER B 17 -39.70 38.01 2.37
N LEU B 18 -38.80 38.19 1.39
CA LEU B 18 -37.81 37.16 1.01
C LEU B 18 -36.73 37.06 2.09
N MET B 19 -36.36 38.17 2.70
CA MET B 19 -35.18 38.27 3.60
C MET B 19 -35.33 37.32 4.78
N ASN B 20 -36.49 37.27 5.45
CA ASN B 20 -36.69 36.42 6.65
C ASN B 20 -36.66 34.94 6.24
N LYS B 21 -37.13 34.63 5.02
CA LYS B 21 -37.13 33.26 4.44
C LYS B 21 -35.70 32.84 4.07
N TRP B 22 -34.94 33.77 3.50
CA TRP B 22 -33.52 33.55 3.14
C TRP B 22 -32.70 33.37 4.42
N ALA B 23 -32.96 34.16 5.45
CA ALA B 23 -32.32 34.01 6.79
C ALA B 23 -32.53 32.58 7.30
N THR B 24 -33.79 32.12 7.33
CA THR B 24 -34.12 30.75 7.79
C THR B 24 -33.29 29.72 7.00
N VAL B 25 -33.22 29.85 5.67
CA VAL B 25 -32.46 28.93 4.74
C VAL B 25 -30.96 29.06 5.03
N ALA B 26 -30.47 30.30 5.22
CA ALA B 26 -29.04 30.60 5.49
C ALA B 26 -28.67 30.21 6.93
N GLY B 27 -29.64 29.77 7.75
CA GLY B 27 -29.46 29.44 9.17
C GLY B 27 -29.19 30.68 10.03
N LEU B 28 -29.59 31.88 9.58
CA LEU B 28 -29.42 33.16 10.33
C LEU B 28 -30.64 33.39 11.23
N LYS B 29 -30.42 33.89 12.45
CA LYS B 29 -31.48 34.10 13.46
C LYS B 29 -32.25 35.37 13.13
N ASN B 30 -31.65 36.29 12.34
CA ASN B 30 -32.35 37.46 11.77
C ASN B 30 -31.61 37.86 10.49
N PRO B 31 -32.25 38.63 9.58
CA PRO B 31 -31.70 38.94 8.27
C PRO B 31 -30.83 40.22 8.15
N ASN B 32 -30.47 40.82 9.29
CA ASN B 32 -29.49 41.94 9.32
C ASN B 32 -28.22 41.56 8.57
N PRO B 33 -27.59 40.39 8.81
CA PRO B 33 -26.44 39.99 8.00
C PRO B 33 -26.73 39.96 6.48
N LEU B 34 -27.98 39.68 6.05
CA LEU B 34 -28.34 39.63 4.62
C LEU B 34 -28.49 41.05 4.05
N TYR B 35 -28.93 42.02 4.86
CA TYR B 35 -29.05 43.44 4.41
C TYR B 35 -27.61 43.93 4.18
N ASP B 36 -26.75 43.65 5.17
CA ASP B 36 -25.29 43.91 5.12
C ASP B 36 -24.72 43.20 3.89
N PHE B 37 -25.13 41.97 3.59
CA PHE B 37 -24.67 41.23 2.39
C PHE B 37 -25.05 41.97 1.10
N LEU B 38 -26.28 42.46 0.99
CA LEU B 38 -26.75 43.10 -0.26
C LEU B 38 -26.24 44.54 -0.36
N ASN B 39 -26.04 45.22 0.78
CA ASN B 39 -25.79 46.69 0.83
C ASN B 39 -24.30 47.01 0.68
N HIS B 40 -23.44 46.26 1.39
CA HIS B 40 -22.00 46.57 1.57
C HIS B 40 -21.12 45.59 0.80
N ASP B 41 -20.29 46.10 -0.12
CA ASP B 41 -19.34 45.33 -0.98
C ASP B 41 -18.41 44.46 -0.13
N GLY B 42 -18.12 43.26 -0.64
CA GLY B 42 -17.31 42.23 0.01
C GLY B 42 -17.75 41.96 1.44
N LYS B 43 -19.05 41.90 1.72
CA LYS B 43 -19.52 41.32 2.99
C LYS B 43 -19.57 39.79 2.81
N THR B 44 -19.23 39.04 3.85
CA THR B 44 -19.23 37.55 3.79
C THR B 44 -19.96 37.04 5.03
N PHE B 45 -20.42 35.79 4.97
CA PHE B 45 -21.06 35.08 6.10
C PHE B 45 -20.02 34.20 6.80
N ASN B 46 -20.15 34.09 8.12
CA ASN B 46 -19.30 33.25 9.02
C ASN B 46 -19.14 31.85 8.44
N GLU B 47 -20.26 31.29 7.96
CA GLU B 47 -20.36 29.91 7.43
C GLU B 47 -20.86 29.96 5.98
N PHE B 48 -20.08 29.41 5.03
CA PHE B 48 -20.28 29.50 3.55
C PHE B 48 -21.63 28.85 3.15
N SER B 49 -22.23 28.06 4.05
CA SER B 49 -23.54 27.40 3.83
C SER B 49 -24.65 28.47 3.70
N SER B 50 -24.55 29.55 4.49
CA SER B 50 -25.47 30.71 4.40
C SER B 50 -25.67 31.05 2.93
N ILE B 51 -24.61 31.07 2.13
CA ILE B 51 -24.71 31.53 0.72
C ILE B 51 -25.09 30.33 -0.16
N VAL B 52 -24.57 29.15 0.14
CA VAL B 52 -24.82 27.97 -0.74
C VAL B 52 -26.30 27.58 -0.62
N ASN B 53 -26.80 27.44 0.61
CA ASN B 53 -28.22 27.10 0.91
C ASN B 53 -29.15 27.97 0.08
N ILE B 54 -28.87 29.28 0.03
CA ILE B 54 -29.67 30.30 -0.70
C ILE B 54 -29.53 30.07 -2.20
N VAL B 55 -28.31 30.08 -2.75
CA VAL B 55 -28.14 29.83 -4.20
C VAL B 55 -28.91 28.55 -4.55
N LYS B 56 -28.93 27.55 -3.65
CA LYS B 56 -29.56 26.21 -3.90
C LYS B 56 -31.09 26.31 -3.83
N SER B 57 -31.61 26.86 -2.73
CA SER B 57 -33.06 27.08 -2.46
C SER B 57 -33.69 27.94 -3.57
N GLN B 58 -33.04 29.03 -3.94
CA GLN B 58 -33.65 30.20 -4.64
C GLN B 58 -33.29 30.21 -6.13
N TYR B 59 -32.10 29.77 -6.54
CA TYR B 59 -31.63 29.83 -7.96
C TYR B 59 -30.96 28.53 -8.36
N PRO B 60 -31.62 27.38 -8.10
CA PRO B 60 -30.98 26.08 -8.32
C PRO B 60 -30.48 25.88 -9.76
N ASP B 61 -31.24 26.33 -10.74
CA ASP B 61 -30.99 26.05 -12.17
C ASP B 61 -29.76 26.80 -12.66
N ARG B 62 -29.21 27.73 -11.86
CA ARG B 62 -28.00 28.51 -12.25
C ARG B 62 -26.93 28.44 -11.13
N GLU B 63 -26.80 27.30 -10.45
CA GLU B 63 -25.89 27.18 -9.28
C GLU B 63 -24.43 27.37 -9.73
N TYR B 64 -23.99 26.74 -10.82
CA TYR B 64 -22.57 26.86 -11.28
C TYR B 64 -22.28 28.34 -11.55
N GLU B 65 -22.89 28.92 -12.60
CA GLU B 65 -22.60 30.31 -13.05
C GLU B 65 -22.55 31.26 -11.84
N LEU B 66 -23.52 31.18 -10.94
CA LEU B 66 -23.61 32.07 -9.74
C LEU B 66 -22.43 31.81 -8.82
N MET B 67 -22.24 30.57 -8.35
CA MET B 67 -21.18 30.26 -7.34
C MET B 67 -19.78 30.50 -7.94
N LYS B 68 -19.58 30.22 -9.24
CA LYS B 68 -18.32 30.56 -9.97
C LYS B 68 -18.01 32.03 -9.73
N ASP B 69 -18.91 32.89 -10.22
CA ASP B 69 -18.80 34.35 -10.14
C ASP B 69 -18.56 34.77 -8.68
N TYR B 70 -19.29 34.21 -7.71
CA TYR B 70 -19.14 34.61 -6.29
C TYR B 70 -17.79 34.15 -5.73
N CYS B 71 -17.42 32.89 -5.93
CA CYS B 71 -16.14 32.29 -5.48
C CYS B 71 -14.96 33.10 -6.04
N LEU B 72 -14.96 33.38 -7.36
CA LEU B 72 -13.84 34.05 -8.10
C LEU B 72 -13.83 35.57 -7.87
N ASN B 73 -14.57 36.08 -6.89
CA ASN B 73 -14.60 37.52 -6.54
C ASN B 73 -14.34 37.69 -5.04
N LEU B 74 -14.11 36.59 -4.34
CA LEU B 74 -13.90 36.60 -2.87
C LEU B 74 -12.47 37.07 -2.55
N ASP B 75 -12.31 37.68 -1.38
CA ASP B 75 -11.02 37.86 -0.67
C ASP B 75 -10.46 36.44 -0.45
N VAL B 76 -9.43 36.06 -1.19
CA VAL B 76 -8.78 34.72 -1.03
C VAL B 76 -8.15 34.68 0.37
N LYS B 77 -7.94 35.82 1.00
CA LYS B 77 -7.34 35.86 2.35
C LYS B 77 -8.40 35.50 3.40
N THR B 78 -9.62 35.18 3.04
CA THR B 78 -10.73 35.06 4.02
C THR B 78 -11.29 33.62 4.09
N LYS B 79 -11.84 33.28 5.27
CA LYS B 79 -12.48 31.97 5.62
C LYS B 79 -13.46 31.55 4.52
N ALA B 80 -14.16 32.52 3.94
CA ALA B 80 -15.11 32.31 2.83
C ALA B 80 -14.38 31.64 1.68
N ALA B 81 -13.23 32.17 1.30
CA ALA B 81 -12.45 31.66 0.13
C ALA B 81 -11.88 30.25 0.39
N ARG B 82 -11.50 29.96 1.63
CA ARG B 82 -11.08 28.60 2.07
C ARG B 82 -12.27 27.67 1.99
N SER B 83 -13.47 28.17 2.27
CA SER B 83 -14.72 27.37 2.14
C SER B 83 -15.07 27.15 0.66
N ALA B 84 -14.93 28.19 -0.16
CA ALA B 84 -15.16 28.16 -1.62
C ALA B 84 -14.34 27.04 -2.24
N LEU B 85 -13.11 26.89 -1.77
CA LEU B 85 -12.12 25.86 -2.25
C LEU B 85 -12.66 24.45 -2.00
N GLU B 86 -13.15 24.17 -0.78
CA GLU B 86 -13.77 22.88 -0.39
C GLU B 86 -15.00 22.67 -1.27
N TYR B 87 -15.86 23.69 -1.42
CA TYR B 87 -17.07 23.61 -2.28
C TYR B 87 -16.62 23.36 -3.72
N ALA B 88 -15.59 24.05 -4.20
CA ALA B 88 -15.12 23.85 -5.58
C ALA B 88 -14.74 22.39 -5.78
N ASP B 89 -13.87 21.87 -4.92
CA ASP B 89 -13.29 20.50 -5.04
C ASP B 89 -14.38 19.44 -4.87
N ALA B 90 -15.24 19.58 -3.87
CA ALA B 90 -16.33 18.63 -3.56
C ALA B 90 -17.26 18.50 -4.78
N ASN B 91 -17.48 19.54 -5.57
CA ASN B 91 -18.38 19.46 -6.76
C ASN B 91 -17.55 19.22 -8.01
N MET B 92 -16.24 19.07 -7.87
CA MET B 92 -15.36 18.77 -9.03
C MET B 92 -15.40 19.98 -9.98
N PHE B 93 -15.54 21.19 -9.44
CA PHE B 93 -15.48 22.46 -10.20
C PHE B 93 -14.02 22.90 -10.27
N PHE B 94 -13.24 22.25 -11.14
CA PHE B 94 -11.76 22.39 -11.23
C PHE B 94 -11.39 23.81 -11.66
N GLU B 95 -12.01 24.36 -12.70
CA GLU B 95 -11.68 25.73 -13.18
C GLU B 95 -11.64 26.67 -11.98
N ILE B 96 -12.65 26.58 -11.10
CA ILE B 96 -12.79 27.43 -9.87
C ILE B 96 -11.66 27.06 -8.89
N GLU B 97 -11.60 25.79 -8.49
CA GLU B 97 -10.60 25.23 -7.54
C GLU B 97 -9.18 25.70 -7.91
N ASP B 98 -8.72 25.37 -9.12
CA ASP B 98 -7.30 25.60 -9.53
C ASP B 98 -7.06 27.11 -9.42
N ALA B 99 -8.04 27.90 -9.88
CA ALA B 99 -7.97 29.39 -9.86
C ALA B 99 -7.82 29.87 -8.41
N LEU B 100 -8.58 29.31 -7.48
CA LEU B 100 -8.55 29.73 -6.04
C LEU B 100 -7.21 29.36 -5.41
N ILE B 101 -6.68 28.19 -5.80
CA ILE B 101 -5.37 27.65 -5.33
C ILE B 101 -4.27 28.60 -5.82
N ASP B 102 -4.18 28.85 -7.14
CA ASP B 102 -3.25 29.85 -7.75
C ASP B 102 -3.17 31.08 -6.84
N SER B 103 -4.29 31.77 -6.61
CA SER B 103 -4.36 33.06 -5.86
C SER B 103 -3.92 32.87 -4.41
N MET B 104 -4.24 31.73 -3.79
CA MET B 104 -4.03 31.48 -2.35
C MET B 104 -2.58 31.10 -2.04
N ILE B 105 -1.90 30.39 -2.95
CA ILE B 105 -0.45 30.11 -2.84
C ILE B 105 0.29 31.44 -2.69
N SER B 106 0.14 32.36 -3.66
CA SER B 106 0.89 33.64 -3.77
C SER B 106 0.25 34.76 -2.94
N CYS B 107 -0.59 34.44 -1.96
CA CYS B 107 -1.33 35.42 -1.11
C CYS B 107 -0.56 35.58 0.22
N SER B 108 -0.98 36.54 1.05
CA SER B 108 -0.22 37.02 2.24
C SER B 108 -0.79 36.40 3.54
N ASN B 109 -1.88 35.63 3.45
CA ASN B 109 -2.56 35.05 4.64
C ASN B 109 -2.07 33.61 4.83
N MET B 110 -1.70 33.23 6.07
CA MET B 110 -0.96 31.97 6.40
C MET B 110 -1.91 30.77 6.24
N LYS B 111 -3.10 30.89 6.83
CA LYS B 111 -4.21 29.91 6.69
C LYS B 111 -4.54 29.68 5.22
N SER B 112 -4.78 30.73 4.44
CA SER B 112 -5.22 30.58 3.03
C SER B 112 -4.08 30.04 2.17
N LYS B 113 -2.81 30.28 2.54
CA LYS B 113 -1.62 29.69 1.85
C LYS B 113 -1.62 28.17 2.05
N GLU B 114 -1.71 27.76 3.32
CA GLU B 114 -1.76 26.34 3.75
C GLU B 114 -2.84 25.63 2.96
N TYR B 115 -4.13 26.02 3.10
CA TYR B 115 -5.28 25.37 2.42
C TYR B 115 -4.97 25.32 0.92
N GLY B 116 -4.58 26.44 0.32
CA GLY B 116 -4.22 26.52 -1.11
C GLY B 116 -3.23 25.44 -1.52
N LYS B 117 -2.14 25.26 -0.75
CA LYS B 117 -1.03 24.27 -1.01
C LYS B 117 -1.56 22.84 -0.87
N VAL B 118 -2.24 22.52 0.24
CA VAL B 118 -2.73 21.16 0.54
C VAL B 118 -3.68 20.73 -0.58
N TYR B 119 -4.51 21.62 -1.10
CA TYR B 119 -5.48 21.27 -2.18
C TYR B 119 -4.69 20.98 -3.47
N LYS B 120 -3.64 21.76 -3.75
CA LYS B 120 -2.70 21.50 -4.89
C LYS B 120 -2.15 20.08 -4.79
N ILE B 121 -1.71 19.66 -3.60
CA ILE B 121 -1.20 18.28 -3.35
C ILE B 121 -2.31 17.31 -3.72
N HIS B 122 -3.53 17.51 -3.20
CA HIS B 122 -4.68 16.60 -3.48
C HIS B 122 -4.94 16.57 -4.99
N ARG B 123 -4.80 17.71 -5.67
CA ARG B 123 -5.08 17.82 -7.12
C ARG B 123 -4.02 17.05 -7.91
N GLU B 124 -2.73 17.39 -7.74
CA GLU B 124 -1.56 16.70 -8.35
C GLU B 124 -1.65 15.17 -8.14
N LEU B 125 -1.91 14.73 -6.89
CA LEU B 125 -1.99 13.30 -6.53
C LEU B 125 -3.14 12.66 -7.31
N SER B 126 -4.37 13.13 -7.17
CA SER B 126 -5.53 12.54 -7.88
C SER B 126 -5.29 12.50 -9.39
N LYS B 127 -4.61 13.50 -9.98
CA LYS B 127 -4.40 13.57 -11.47
C LYS B 127 -3.31 12.60 -11.95
N GLY B 128 -2.32 12.29 -11.10
CA GLY B 128 -1.28 11.27 -11.40
C GLY B 128 0.02 11.92 -11.77
N GLU B 129 0.21 13.15 -11.30
CA GLU B 129 1.46 13.95 -11.50
C GLU B 129 2.46 13.63 -10.39
N ILE B 130 2.01 13.00 -9.31
CA ILE B 130 2.89 12.57 -8.17
C ILE B 130 2.33 11.28 -7.58
N ASP B 131 3.20 10.49 -6.97
CA ASP B 131 2.83 9.28 -6.19
C ASP B 131 2.62 9.70 -4.72
N VAL B 132 2.10 8.76 -3.93
CA VAL B 132 1.61 9.00 -2.53
C VAL B 132 2.78 9.39 -1.61
N PHE B 133 4.01 8.94 -1.90
CA PHE B 133 5.20 9.24 -1.06
C PHE B 133 5.61 10.70 -1.28
N GLU B 134 5.69 11.13 -2.55
CA GLU B 134 5.87 12.55 -2.96
C GLU B 134 4.83 13.41 -2.20
N ALA B 135 3.56 13.04 -2.32
CA ALA B 135 2.44 13.76 -1.70
C ALA B 135 2.65 13.80 -0.20
N SER B 136 2.81 12.64 0.42
CA SER B 136 2.91 12.51 1.89
C SER B 136 4.12 13.32 2.38
N ALA B 137 5.12 13.50 1.51
CA ALA B 137 6.32 14.32 1.79
C ALA B 137 5.97 15.80 1.66
N ASN B 138 5.16 16.18 0.66
CA ASN B 138 4.81 17.62 0.42
C ASN B 138 4.00 18.11 1.62
N ILE B 139 3.17 17.25 2.19
CA ILE B 139 2.36 17.50 3.43
C ILE B 139 3.30 17.74 4.60
N GLY B 140 4.18 16.76 4.86
CA GLY B 140 5.20 16.84 5.92
C GLY B 140 5.93 18.17 5.85
N LYS B 141 6.44 18.50 4.65
CA LYS B 141 7.19 19.75 4.32
C LYS B 141 6.37 20.97 4.73
N GLN B 142 5.07 20.98 4.42
CA GLN B 142 4.19 22.18 4.54
C GLN B 142 4.10 22.70 5.98
N ARG B 143 4.46 21.92 7.00
CA ARG B 143 4.43 22.35 8.43
C ARG B 143 3.04 22.85 8.76
N ILE B 144 2.04 21.98 8.59
CA ILE B 144 0.58 22.28 8.69
C ILE B 144 0.19 22.74 10.10
N LYS B 145 -0.42 23.92 10.24
CA LYS B 145 -0.86 24.49 11.55
C LYS B 145 -2.24 23.93 11.94
N THR B 146 -3.21 23.99 11.04
CA THR B 146 -4.68 23.94 11.34
C THR B 146 -5.20 22.49 11.41
N ALA B 147 -6.07 22.21 12.38
CA ALA B 147 -6.82 20.94 12.51
C ALA B 147 -7.45 20.57 11.17
N GLU B 148 -7.97 21.57 10.44
CA GLU B 148 -8.70 21.40 9.16
C GLU B 148 -7.80 20.68 8.15
N MET B 149 -6.65 21.26 7.79
CA MET B 149 -5.75 20.70 6.75
C MET B 149 -4.94 19.52 7.29
N ASN B 150 -4.81 19.41 8.62
CA ASN B 150 -4.28 18.17 9.23
C ASN B 150 -5.19 17.00 8.82
N ILE B 151 -6.49 17.18 9.00
CA ILE B 151 -7.49 16.14 8.65
C ILE B 151 -7.53 15.99 7.14
N PHE B 152 -7.48 17.09 6.38
CA PHE B 152 -7.70 17.00 4.92
C PHE B 152 -6.49 16.32 4.25
N SER B 153 -5.28 16.56 4.76
CA SER B 153 -4.05 15.97 4.16
C SER B 153 -4.08 14.46 4.37
N LYS B 154 -4.64 13.97 5.48
CA LYS B 154 -4.90 12.52 5.71
C LYS B 154 -5.92 12.01 4.69
N MET B 155 -6.94 12.82 4.42
CA MET B 155 -8.03 12.45 3.49
C MET B 155 -7.50 12.43 2.07
N LEU B 156 -6.64 13.37 1.65
CA LEU B 156 -6.20 13.39 0.23
C LEU B 156 -5.43 12.09 -0.09
N LEU B 157 -4.73 11.54 0.91
CA LEU B 157 -4.06 10.22 0.86
C LEU B 157 -5.11 9.10 0.83
N MET B 158 -6.16 9.19 1.66
CA MET B 158 -7.24 8.17 1.64
C MET B 158 -7.82 8.06 0.23
N TYR B 159 -7.88 9.14 -0.55
CA TYR B 159 -8.38 9.09 -1.95
C TYR B 159 -7.39 8.25 -2.77
N ASP B 160 -6.08 8.47 -2.64
CA ASP B 160 -5.13 7.67 -3.46
C ASP B 160 -5.21 6.20 -3.00
N CYS B 161 -5.28 5.94 -1.70
CA CYS B 161 -5.48 4.57 -1.16
C CYS B 161 -6.70 3.97 -1.85
N LEU B 162 -7.85 4.67 -1.82
CA LEU B 162 -9.09 4.17 -2.47
C LEU B 162 -8.82 3.82 -3.93
N ASN B 163 -8.10 4.64 -4.68
CA ASN B 163 -7.82 4.32 -6.10
C ASN B 163 -7.08 2.99 -6.24
N LYS B 164 -6.23 2.64 -5.30
CA LYS B 164 -5.36 1.46 -5.49
C LYS B 164 -5.95 0.25 -4.74
N GLY B 165 -7.19 0.35 -4.26
CA GLY B 165 -7.89 -0.76 -3.60
C GLY B 165 -7.34 -1.12 -2.22
N ASN B 166 -6.43 -0.31 -1.67
CA ASN B 166 -5.69 -0.59 -0.42
C ASN B 166 -6.51 -0.25 0.83
N PHE B 167 -7.27 -1.21 1.35
CA PHE B 167 -8.09 -1.09 2.58
C PHE B 167 -7.19 -0.80 3.78
N ALA B 168 -6.21 -1.63 4.10
CA ALA B 168 -5.47 -1.55 5.39
C ALA B 168 -5.00 -0.11 5.65
N PRO B 169 -4.29 0.56 4.72
CA PRO B 169 -3.75 1.89 4.99
C PRO B 169 -4.82 3.00 5.00
N MET B 170 -5.84 2.89 4.15
CA MET B 170 -7.02 3.78 4.21
C MET B 170 -7.53 3.84 5.65
N MET B 171 -7.79 2.68 6.26
CA MET B 171 -8.44 2.59 7.60
C MET B 171 -7.51 3.12 8.66
N LEU B 172 -6.21 2.97 8.42
CA LEU B 172 -5.13 3.49 9.29
C LEU B 172 -5.18 5.02 9.33
N LEU B 173 -5.35 5.66 8.17
CA LEU B 173 -5.48 7.14 8.05
C LEU B 173 -6.81 7.56 8.70
N PHE B 174 -7.87 6.79 8.46
CA PHE B 174 -9.24 7.06 8.98
C PHE B 174 -9.21 6.98 10.51
N GLN B 175 -8.50 6.03 11.12
CA GLN B 175 -8.44 5.91 12.60
C GLN B 175 -7.94 7.20 13.22
N GLN B 176 -7.18 7.99 12.46
CA GLN B 176 -6.38 9.13 12.99
C GLN B 176 -7.16 10.44 12.85
N ILE B 177 -8.33 10.39 12.22
CA ILE B 177 -9.19 11.58 11.99
C ILE B 177 -10.17 11.69 13.15
N ASP B 178 -10.21 12.87 13.79
CA ASP B 178 -11.23 13.29 14.77
C ASP B 178 -11.75 14.64 14.30
N LEU B 179 -12.91 14.62 13.62
CA LEU B 179 -13.52 15.81 13.00
C LEU B 179 -13.86 16.84 14.07
N SER B 180 -14.03 16.45 15.34
CA SER B 180 -14.28 17.37 16.49
C SER B 180 -13.05 18.23 16.82
N GLU B 181 -11.96 18.13 16.04
CA GLU B 181 -10.84 19.12 16.08
C GLU B 181 -11.24 20.36 15.29
N ILE B 182 -12.11 20.21 14.30
CA ILE B 182 -12.50 21.33 13.41
C ILE B 182 -13.48 22.17 14.22
N LYS B 183 -13.05 23.40 14.53
CA LYS B 183 -13.71 24.37 15.45
C LYS B 183 -13.99 25.67 14.66
N GLU B 184 -12.99 26.14 13.91
CA GLU B 184 -13.10 27.34 13.01
C GLU B 184 -14.24 27.06 12.04
N ASN B 185 -14.12 26.07 11.15
CA ASN B 185 -14.95 26.07 9.92
C ASN B 185 -15.92 24.89 9.92
N ARG B 186 -17.18 25.10 10.32
CA ARG B 186 -18.21 24.04 10.42
C ARG B 186 -18.63 23.62 9.01
N TYR B 187 -18.42 24.44 7.98
CA TYR B 187 -18.78 24.03 6.60
C TYR B 187 -17.84 22.89 6.19
N LEU B 188 -16.52 23.06 6.36
CA LEU B 188 -15.54 21.98 6.07
C LEU B 188 -15.86 20.75 6.92
N LYS B 189 -16.07 20.93 8.22
CA LYS B 189 -16.29 19.77 9.12
C LYS B 189 -17.40 18.92 8.52
N ASN B 190 -18.50 19.55 8.10
CA ASN B 190 -19.68 18.83 7.54
C ASN B 190 -19.31 18.27 6.16
N SER B 191 -18.65 19.03 5.28
CA SER B 191 -18.28 18.54 3.93
C SER B 191 -17.32 17.34 4.06
N PHE B 192 -16.40 17.34 5.04
CA PHE B 192 -15.43 16.24 5.25
C PHE B 192 -16.15 15.01 5.80
N GLU B 193 -17.15 15.20 6.66
CA GLU B 193 -17.97 14.06 7.17
C GLU B 193 -18.56 13.33 5.96
N THR B 194 -19.07 14.07 4.96
CA THR B 194 -19.67 13.47 3.74
C THR B 194 -18.57 12.71 2.99
N ARG B 195 -17.37 13.29 2.83
CA ARG B 195 -16.26 12.70 2.04
C ARG B 195 -15.87 11.37 2.68
N ILE B 196 -15.67 11.37 4.00
CA ILE B 196 -15.15 10.15 4.66
C ILE B 196 -16.25 9.09 4.56
N ASN B 197 -17.53 9.44 4.77
CA ASN B 197 -18.62 8.44 4.65
C ASN B 197 -18.65 7.91 3.21
N VAL B 198 -18.38 8.72 2.20
CA VAL B 198 -18.42 8.22 0.81
C VAL B 198 -17.21 7.28 0.58
N LEU B 199 -16.04 7.73 0.98
CA LEU B 199 -14.79 6.94 1.01
C LEU B 199 -15.04 5.58 1.67
N LEU B 200 -15.53 5.57 2.90
CA LEU B 200 -15.71 4.28 3.62
C LEU B 200 -16.63 3.40 2.77
N SER B 201 -17.68 4.00 2.26
CA SER B 201 -18.68 3.34 1.40
C SER B 201 -17.99 2.64 0.22
N ASN B 202 -17.12 3.33 -0.52
CA ASN B 202 -16.52 2.78 -1.75
C ASN B 202 -15.49 1.73 -1.37
N ILE B 203 -14.79 1.86 -0.24
CA ILE B 203 -13.73 0.85 0.03
C ILE B 203 -14.48 -0.40 0.45
N TYR B 204 -15.55 -0.31 1.23
CA TYR B 204 -16.27 -1.54 1.70
C TYR B 204 -16.94 -2.26 0.53
N LEU B 205 -17.56 -1.54 -0.40
CA LEU B 205 -18.07 -2.16 -1.63
C LEU B 205 -16.93 -2.92 -2.34
N ASN B 206 -15.75 -2.33 -2.40
CA ASN B 206 -14.60 -2.91 -3.13
C ASN B 206 -14.12 -4.18 -2.42
N GLU B 207 -14.14 -4.19 -1.08
CA GLU B 207 -13.83 -5.33 -0.19
C GLU B 207 -15.03 -6.25 -0.12
N ASN B 208 -15.97 -6.07 -1.04
CA ASN B 208 -17.21 -6.87 -1.15
C ASN B 208 -17.87 -7.04 0.23
N ASN B 209 -17.93 -5.99 1.03
CA ASN B 209 -18.65 -5.92 2.33
C ASN B 209 -19.85 -4.98 2.19
N LEU B 210 -20.97 -5.56 1.78
CA LEU B 210 -22.14 -4.87 1.20
C LEU B 210 -22.97 -4.17 2.28
N GLU B 211 -23.15 -4.71 3.46
CA GLU B 211 -24.08 -4.08 4.44
C GLU B 211 -23.40 -2.81 4.97
N LEU B 212 -22.11 -2.81 5.28
CA LEU B 212 -21.40 -1.62 5.80
C LEU B 212 -21.37 -0.57 4.69
N CYS B 213 -21.12 -1.02 3.48
CA CYS B 213 -21.06 -0.18 2.29
C CYS B 213 -22.34 0.68 2.19
N ARG B 214 -23.49 0.07 2.40
CA ARG B 214 -24.79 0.79 2.34
C ARG B 214 -24.92 1.71 3.56
N GLU B 215 -24.65 1.20 4.76
CA GLU B 215 -24.69 1.99 6.02
C GLU B 215 -23.96 3.32 5.78
N TYR B 216 -22.79 3.31 5.14
CA TYR B 216 -21.94 4.51 4.98
C TYR B 216 -22.45 5.34 3.79
N ALA B 217 -22.87 4.73 2.69
CA ALA B 217 -23.51 5.42 1.55
C ALA B 217 -24.75 6.21 2.02
N GLN B 218 -25.53 5.65 2.94
CA GLN B 218 -26.76 6.25 3.54
C GLN B 218 -26.35 7.41 4.45
N LYS B 219 -25.35 7.24 5.32
CA LYS B 219 -24.90 8.36 6.19
C LYS B 219 -24.49 9.52 5.28
N ALA B 220 -23.78 9.22 4.19
CA ALA B 220 -23.32 10.24 3.23
C ALA B 220 -24.53 11.01 2.72
N ILE B 221 -25.57 10.29 2.31
CA ILE B 221 -26.82 10.85 1.70
C ILE B 221 -27.56 11.72 2.72
N SER B 222 -27.75 11.25 3.97
CA SER B 222 -28.29 12.04 5.10
C SER B 222 -27.60 13.40 5.17
N SER B 223 -26.29 13.41 5.08
CA SER B 223 -25.44 14.52 5.57
C SER B 223 -25.21 15.56 4.48
N THR B 224 -25.80 15.43 3.29
CA THR B 224 -25.39 16.24 2.11
C THR B 224 -26.55 16.56 1.16
N ASP B 225 -26.36 17.60 0.33
N ASP B 225 -26.33 17.60 0.33
CA ASP B 225 -27.19 17.85 -0.89
CA ASP B 225 -27.16 17.95 -0.84
C ASP B 225 -26.22 18.19 -2.03
C ASP B 225 -26.24 18.15 -2.05
N THR B 226 -24.96 17.76 -1.95
CA THR B 226 -23.99 17.90 -3.05
C THR B 226 -24.26 16.84 -4.13
N GLN B 227 -24.50 17.24 -5.38
CA GLN B 227 -24.94 16.33 -6.46
C GLN B 227 -24.01 15.12 -6.50
N ARG B 228 -22.71 15.39 -6.64
CA ARG B 228 -21.68 14.35 -6.89
C ARG B 228 -21.72 13.30 -5.77
N PHE B 229 -21.80 13.69 -4.50
CA PHE B 229 -21.88 12.71 -3.38
C PHE B 229 -23.19 11.95 -3.39
N LEU B 230 -24.32 12.63 -3.67
CA LEU B 230 -25.60 11.91 -3.84
C LEU B 230 -25.49 10.90 -4.99
N VAL B 231 -24.96 11.30 -6.15
CA VAL B 231 -24.94 10.43 -7.36
C VAL B 231 -24.17 9.14 -6.99
N PHE B 232 -22.94 9.29 -6.56
CA PHE B 232 -22.05 8.15 -6.23
C PHE B 232 -22.64 7.32 -5.09
N SER B 233 -23.25 7.89 -4.04
CA SER B 233 -23.82 7.06 -2.95
C SER B 233 -24.90 6.15 -3.52
N TYR B 234 -25.76 6.67 -4.40
CA TYR B 234 -26.90 5.87 -4.93
C TYR B 234 -26.32 4.82 -5.89
N LEU B 235 -25.35 5.19 -6.69
CA LEU B 235 -24.64 4.21 -7.55
C LEU B 235 -24.06 3.09 -6.68
N THR B 236 -23.37 3.45 -5.60
CA THR B 236 -22.77 2.46 -4.67
C THR B 236 -23.87 1.59 -4.07
N ILE B 237 -25.01 2.15 -3.68
CA ILE B 237 -26.09 1.31 -3.09
C ILE B 237 -26.65 0.42 -4.19
N GLY B 238 -26.80 0.97 -5.38
CA GLY B 238 -27.30 0.23 -6.55
C GLY B 238 -26.46 -1.01 -6.79
N THR B 239 -25.15 -0.81 -6.85
CA THR B 239 -24.17 -1.88 -7.10
C THR B 239 -24.19 -2.85 -5.92
N SER B 240 -24.32 -2.38 -4.70
CA SER B 240 -24.35 -3.26 -3.51
C SER B 240 -25.46 -4.32 -3.62
N TYR B 241 -26.46 -4.14 -4.49
CA TYR B 241 -27.69 -4.98 -4.54
C TYR B 241 -27.75 -5.80 -5.85
N ILE B 242 -26.82 -5.58 -6.78
CA ILE B 242 -26.83 -6.24 -8.11
C ILE B 242 -27.11 -7.73 -7.98
N PHE B 243 -26.47 -8.44 -7.07
CA PHE B 243 -26.57 -9.93 -7.03
C PHE B 243 -27.63 -10.37 -6.04
N SER B 244 -28.09 -9.52 -5.11
CA SER B 244 -28.94 -9.98 -3.99
C SER B 244 -30.42 -9.56 -4.14
N ASP B 245 -30.74 -8.47 -4.82
CA ASP B 245 -32.11 -7.87 -4.75
C ASP B 245 -32.33 -6.87 -5.89
N PHE B 246 -32.99 -7.36 -6.94
CA PHE B 246 -33.13 -6.66 -8.23
C PHE B 246 -33.87 -5.33 -8.05
N ASN B 247 -34.89 -5.32 -7.19
CA ASN B 247 -35.76 -4.11 -7.06
C ASN B 247 -35.00 -3.03 -6.33
N LEU B 248 -34.37 -3.36 -5.21
CA LEU B 248 -33.57 -2.36 -4.45
C LEU B 248 -32.44 -1.88 -5.33
N SER B 249 -31.91 -2.73 -6.21
CA SER B 249 -30.81 -2.31 -7.10
C SER B 249 -31.38 -1.27 -8.06
N LYS B 250 -32.40 -1.63 -8.81
CA LYS B 250 -33.08 -0.75 -9.80
C LYS B 250 -33.59 0.54 -9.15
N GLN B 251 -34.17 0.43 -7.96
CA GLN B 251 -34.72 1.59 -7.22
C GLN B 251 -33.60 2.59 -6.97
N ASN B 252 -32.49 2.15 -6.36
CA ASN B 252 -31.38 3.06 -5.97
C ASN B 252 -30.73 3.63 -7.23
N TYR B 253 -30.57 2.82 -8.26
CA TYR B 253 -30.01 3.34 -9.53
C TYR B 253 -30.95 4.45 -10.06
N LEU B 254 -32.25 4.19 -10.17
CA LEU B 254 -33.21 5.21 -10.69
C LEU B 254 -33.17 6.48 -9.81
N ILE B 255 -33.21 6.38 -8.47
CA ILE B 255 -33.06 7.60 -7.62
C ILE B 255 -31.79 8.35 -8.03
N GLY B 256 -30.67 7.65 -8.13
CA GLY B 256 -29.40 8.28 -8.53
C GLY B 256 -29.47 8.88 -9.91
N LEU B 257 -30.24 8.28 -10.83
CA LEU B 257 -30.45 8.87 -12.17
C LEU B 257 -31.21 10.21 -12.08
N LYS B 258 -32.26 10.30 -11.26
CA LYS B 258 -32.98 11.58 -11.03
C LYS B 258 -31.92 12.59 -10.60
N PHE B 259 -31.13 12.31 -9.53
CA PHE B 259 -30.18 13.28 -8.95
C PHE B 259 -29.09 13.66 -9.96
N ALA B 260 -28.89 12.87 -11.02
CA ALA B 260 -27.85 13.17 -12.03
C ALA B 260 -28.43 13.99 -13.19
N LYS B 261 -29.71 14.40 -13.16
CA LYS B 261 -30.33 15.12 -14.31
C LYS B 261 -29.39 16.24 -14.77
N GLY B 262 -29.13 16.30 -16.08
CA GLY B 262 -28.24 17.31 -16.71
C GLY B 262 -26.81 17.20 -16.21
N ASN B 263 -26.26 15.99 -16.30
CA ASN B 263 -24.80 15.72 -16.31
C ASN B 263 -24.63 14.39 -17.05
N PRO B 264 -24.70 14.40 -18.40
CA PRO B 264 -24.65 13.17 -19.20
C PRO B 264 -23.64 12.12 -18.70
N GLY B 265 -22.45 12.57 -18.27
CA GLY B 265 -21.40 11.74 -17.64
C GLY B 265 -21.93 10.93 -16.46
N PHE B 266 -22.52 11.61 -15.46
CA PHE B 266 -23.17 10.99 -14.28
C PHE B 266 -24.33 10.07 -14.71
N GLU B 267 -25.12 10.50 -15.69
CA GLU B 267 -26.33 9.74 -16.15
C GLU B 267 -25.90 8.43 -16.81
N GLU B 268 -24.79 8.40 -17.55
CA GLU B 268 -24.30 7.18 -18.24
C GLU B 268 -23.95 6.08 -17.22
N PHE B 269 -23.38 6.42 -16.08
CA PHE B 269 -23.07 5.44 -15.02
C PHE B 269 -24.35 4.67 -14.74
N PHE B 270 -25.46 5.38 -14.53
CA PHE B 270 -26.75 4.74 -14.15
C PHE B 270 -27.30 3.94 -15.33
N LYS B 271 -27.22 4.48 -16.54
CA LYS B 271 -27.80 3.81 -17.73
C LYS B 271 -27.07 2.50 -17.94
N ARG B 272 -25.74 2.53 -17.94
CA ARG B 272 -24.91 1.32 -18.17
C ARG B 272 -25.17 0.31 -17.05
N ASN B 273 -25.32 0.76 -15.81
CA ASN B 273 -25.58 -0.19 -14.72
C ASN B 273 -26.96 -0.81 -14.86
N LEU B 274 -27.95 0.00 -15.20
CA LEU B 274 -29.33 -0.50 -15.35
C LEU B 274 -29.34 -1.46 -16.54
N SER B 275 -28.61 -1.13 -17.60
CA SER B 275 -28.44 -2.03 -18.77
C SER B 275 -27.99 -3.40 -18.28
N PHE B 276 -26.92 -3.45 -17.47
CA PHE B 276 -26.38 -4.73 -17.00
C PHE B 276 -27.36 -5.37 -16.03
N LEU B 277 -27.87 -4.66 -15.04
CA LEU B 277 -28.78 -5.26 -14.04
C LEU B 277 -29.91 -5.99 -14.79
N ASN B 278 -30.58 -5.31 -15.72
CA ASN B 278 -31.73 -5.89 -16.44
C ASN B 278 -31.31 -7.11 -17.26
N ASN B 279 -30.17 -7.07 -17.95
CA ASN B 279 -29.70 -8.23 -18.74
C ASN B 279 -29.43 -9.38 -17.78
N PHE B 280 -28.78 -9.09 -16.67
CA PHE B 280 -28.38 -10.13 -15.71
C PHE B 280 -29.64 -10.81 -15.17
N TRP B 281 -30.70 -10.07 -14.88
CA TRP B 281 -31.88 -10.68 -14.21
C TRP B 281 -32.89 -11.14 -15.27
N ASN B 282 -32.54 -11.00 -16.54
CA ASN B 282 -33.32 -11.48 -17.70
C ASN B 282 -34.67 -10.75 -17.74
N LYS B 283 -34.64 -9.42 -17.75
CA LYS B 283 -35.81 -8.52 -17.81
C LYS B 283 -35.76 -7.75 -19.12
N GLU B 284 -36.89 -7.28 -19.64
N GLU B 284 -36.90 -7.22 -19.58
CA GLU B 284 -36.86 -6.39 -20.83
CA GLU B 284 -36.95 -6.28 -20.74
C GLU B 284 -36.01 -5.18 -20.45
C GLU B 284 -36.05 -5.07 -20.44
N ASN B 285 -35.08 -4.82 -21.33
CA ASN B 285 -34.01 -3.84 -21.06
C ASN B 285 -34.13 -2.64 -21.99
N GLU B 286 -34.52 -1.49 -21.46
CA GLU B 286 -34.73 -0.27 -22.28
C GLU B 286 -33.41 0.51 -22.39
N TRP B 287 -32.41 0.18 -21.57
CA TRP B 287 -31.18 0.99 -21.35
C TRP B 287 -30.09 0.69 -22.38
N ILE B 288 -30.21 -0.34 -23.21
CA ILE B 288 -29.12 -0.73 -24.14
C ILE B 288 -28.84 0.43 -25.10
N ASN B 289 -27.59 0.64 -25.50
CA ASN B 289 -27.16 1.57 -26.59
C ASN B 289 -26.71 0.74 -27.79
N TYR B 290 -27.58 0.54 -28.79
CA TYR B 290 -27.33 -0.36 -29.96
C TYR B 290 -26.36 0.31 -30.93
N ASP B 291 -26.03 1.59 -30.70
CA ASP B 291 -25.29 2.44 -31.67
C ASP B 291 -23.81 2.60 -31.27
N SER B 292 -23.43 2.22 -30.05
CA SER B 292 -22.14 2.53 -29.40
C SER B 292 -21.05 1.52 -29.81
N ASP B 293 -19.89 2.03 -30.24
CA ASP B 293 -18.61 1.27 -30.42
C ASP B 293 -18.08 0.80 -29.06
N ALA B 294 -18.45 1.42 -27.93
CA ALA B 294 -17.85 1.11 -26.63
C ALA B 294 -18.04 -0.37 -26.29
N VAL B 295 -16.95 -1.06 -25.96
CA VAL B 295 -16.92 -2.52 -25.67
C VAL B 295 -18.03 -2.84 -24.66
N THR B 296 -18.15 -2.06 -23.60
CA THR B 296 -19.14 -2.40 -22.53
C THR B 296 -20.56 -2.27 -23.12
N ASP B 297 -20.84 -1.35 -24.04
CA ASP B 297 -22.22 -1.25 -24.60
C ASP B 297 -22.44 -2.45 -25.55
N MET B 298 -21.48 -2.75 -26.40
CA MET B 298 -21.58 -3.90 -27.32
C MET B 298 -21.73 -5.20 -26.51
N GLN B 299 -21.20 -5.27 -25.30
CA GLN B 299 -21.33 -6.48 -24.47
C GLN B 299 -22.77 -6.65 -24.06
N GLU B 300 -23.43 -5.55 -23.70
CA GLU B 300 -24.82 -5.59 -23.22
C GLU B 300 -25.74 -5.93 -24.41
N VAL B 301 -25.37 -5.58 -25.65
CA VAL B 301 -26.26 -6.02 -26.77
C VAL B 301 -26.07 -7.53 -26.89
N ILE B 302 -24.82 -8.04 -26.82
CA ILE B 302 -24.55 -9.51 -26.82
C ILE B 302 -25.36 -10.17 -25.70
N PHE B 303 -25.33 -9.61 -24.50
CA PHE B 303 -25.96 -10.24 -23.31
C PHE B 303 -27.48 -10.34 -23.53
N GLU B 304 -28.10 -9.31 -24.12
CA GLU B 304 -29.55 -9.34 -24.49
C GLU B 304 -29.81 -10.48 -25.51
N LEU B 305 -29.05 -10.52 -26.61
CA LEU B 305 -29.14 -11.62 -27.61
C LEU B 305 -29.12 -12.97 -26.90
N ILE B 306 -28.19 -13.18 -25.96
CA ILE B 306 -28.05 -14.47 -25.20
C ILE B 306 -29.35 -14.73 -24.44
N ASN B 307 -29.87 -13.71 -23.76
CA ASN B 307 -31.16 -13.85 -23.04
C ASN B 307 -32.30 -14.19 -24.01
N HIS B 308 -32.27 -13.69 -25.26
CA HIS B 308 -33.33 -13.97 -26.29
C HIS B 308 -32.99 -15.24 -27.09
N LYS B 309 -32.06 -16.05 -26.61
CA LYS B 309 -31.66 -17.34 -27.23
C LYS B 309 -31.20 -17.14 -28.68
N GLU B 310 -30.70 -15.98 -29.07
CA GLU B 310 -30.11 -15.75 -30.43
C GLU B 310 -28.60 -16.03 -30.36
N LEU B 311 -28.27 -17.25 -29.97
CA LEU B 311 -26.88 -17.65 -29.58
C LEU B 311 -25.93 -17.51 -30.77
N SER B 312 -26.34 -17.81 -31.98
CA SER B 312 -25.44 -17.76 -33.16
C SER B 312 -25.10 -16.31 -33.49
N LYS B 313 -26.06 -15.39 -33.39
CA LYS B 313 -25.80 -13.94 -33.64
C LYS B 313 -24.94 -13.38 -32.50
N ALA B 314 -25.19 -13.84 -31.27
CA ALA B 314 -24.39 -13.47 -30.08
C ALA B 314 -22.94 -13.93 -30.30
N LEU B 315 -22.73 -15.18 -30.74
CA LEU B 315 -21.36 -15.70 -30.93
C LEU B 315 -20.71 -14.94 -32.09
N GLN B 316 -21.43 -14.65 -33.18
CA GLN B 316 -20.83 -13.86 -34.28
C GLN B 316 -20.28 -12.53 -33.72
N LEU B 317 -21.03 -11.85 -32.85
CA LEU B 317 -20.67 -10.50 -32.35
C LEU B 317 -19.50 -10.60 -31.35
N LEU B 318 -19.58 -11.56 -30.45
CA LEU B 318 -18.51 -11.83 -29.49
C LEU B 318 -17.19 -12.09 -30.24
N ASN B 319 -17.22 -12.82 -31.35
CA ASN B 319 -15.95 -13.17 -32.07
C ASN B 319 -15.40 -11.94 -32.78
N LYS B 320 -16.24 -10.94 -33.08
CA LYS B 320 -15.78 -9.65 -33.65
C LYS B 320 -15.04 -8.86 -32.57
N LEU B 321 -15.53 -8.93 -31.34
CA LEU B 321 -14.95 -8.21 -30.18
C LEU B 321 -13.57 -8.78 -29.80
N GLU B 322 -13.30 -10.06 -30.04
CA GLU B 322 -11.98 -10.66 -29.73
C GLU B 322 -10.91 -9.96 -30.57
N GLU B 323 -11.26 -9.51 -31.78
CA GLU B 323 -10.33 -8.81 -32.73
C GLU B 323 -9.82 -7.49 -32.15
N ARG B 324 -10.17 -7.14 -30.91
CA ARG B 324 -10.24 -5.74 -30.44
C ARG B 324 -9.60 -5.58 -29.05
N ASP B 325 -8.71 -4.62 -28.87
CA ASP B 325 -7.95 -4.44 -27.61
C ASP B 325 -8.95 -4.20 -26.47
N GLN B 326 -8.97 -5.08 -25.47
CA GLN B 326 -9.83 -4.90 -24.27
C GLN B 326 -8.96 -4.98 -23.03
N ASN B 327 -9.28 -4.20 -22.00
CA ASN B 327 -8.60 -4.33 -20.69
C ASN B 327 -9.03 -5.68 -20.08
N GLU B 328 -8.46 -6.03 -18.93
CA GLU B 328 -8.68 -7.35 -18.31
C GLU B 328 -10.13 -7.44 -17.80
N ASN B 329 -10.66 -6.38 -17.19
CA ASN B 329 -12.04 -6.41 -16.62
C ASN B 329 -13.03 -6.62 -17.77
N GLU B 330 -12.71 -6.15 -18.97
CA GLU B 330 -13.59 -6.34 -20.14
C GLU B 330 -13.53 -7.80 -20.58
N LEU B 331 -12.33 -8.38 -20.71
CA LEU B 331 -12.13 -9.82 -21.06
C LEU B 331 -12.78 -10.72 -20.00
N GLY B 332 -12.81 -10.31 -18.74
CA GLY B 332 -13.56 -11.04 -17.72
C GLY B 332 -15.01 -11.24 -18.16
N PHE B 333 -15.62 -10.18 -18.68
CA PHE B 333 -17.06 -10.18 -19.07
C PHE B 333 -17.20 -10.91 -20.42
N HIS B 334 -16.21 -10.71 -21.30
CA HIS B 334 -16.15 -11.40 -22.60
C HIS B 334 -16.26 -12.91 -22.43
N TYR B 335 -15.39 -13.51 -21.61
CA TYR B 335 -15.29 -14.98 -21.44
C TYR B 335 -16.53 -15.44 -20.66
N TYR B 336 -17.09 -14.59 -19.81
CA TYR B 336 -18.36 -14.96 -19.11
C TYR B 336 -19.46 -15.08 -20.16
N LEU B 337 -19.55 -14.15 -21.12
CA LEU B 337 -20.59 -14.25 -22.17
C LEU B 337 -20.26 -15.43 -23.08
N LYS B 338 -18.98 -15.61 -23.48
CA LYS B 338 -18.59 -16.78 -24.31
C LYS B 338 -18.96 -18.05 -23.55
N GLY B 339 -18.84 -18.02 -22.23
CA GLY B 339 -19.30 -19.14 -21.37
C GLY B 339 -20.78 -19.42 -21.51
N LEU B 340 -21.63 -18.40 -21.38
CA LEU B 340 -23.11 -18.56 -21.43
C LEU B 340 -23.54 -19.13 -22.79
N ILE B 341 -22.90 -18.71 -23.88
CA ILE B 341 -23.23 -19.18 -25.25
C ILE B 341 -22.79 -20.64 -25.44
N THR B 342 -21.52 -20.97 -25.16
CA THR B 342 -20.89 -22.25 -25.57
C THR B 342 -21.00 -23.32 -24.47
N ASN B 343 -21.30 -22.97 -23.23
CA ASN B 343 -21.30 -23.92 -22.08
C ASN B 343 -19.90 -24.52 -21.87
N GLU B 344 -18.84 -23.89 -22.36
CA GLU B 344 -17.44 -24.37 -22.22
C GLU B 344 -16.91 -23.87 -20.86
N LYS B 345 -16.64 -24.76 -19.90
CA LYS B 345 -15.96 -24.44 -18.61
C LYS B 345 -14.69 -23.60 -18.79
N GLU B 346 -13.92 -23.82 -19.87
CA GLU B 346 -12.63 -23.11 -20.05
C GLU B 346 -12.93 -21.60 -20.10
N ALA B 347 -13.95 -21.18 -20.85
CA ALA B 347 -14.39 -19.76 -20.93
C ALA B 347 -14.69 -19.23 -19.53
N PHE B 348 -15.39 -19.98 -18.68
CA PHE B 348 -15.70 -19.50 -17.31
C PHE B 348 -14.41 -19.41 -16.48
N PHE B 349 -13.48 -20.34 -16.67
CA PHE B 349 -12.18 -20.30 -15.94
C PHE B 349 -11.40 -19.05 -16.34
N LYS B 350 -11.36 -18.71 -17.61
CA LYS B 350 -10.70 -17.47 -18.08
C LYS B 350 -11.41 -16.27 -17.46
N SER B 351 -12.74 -16.30 -17.42
CA SER B 351 -13.56 -15.20 -16.86
C SER B 351 -13.10 -15.05 -15.43
N VAL B 352 -13.14 -16.12 -14.65
CA VAL B 352 -12.65 -16.00 -13.24
C VAL B 352 -11.23 -15.44 -13.22
N GLU B 353 -10.36 -15.88 -14.13
CA GLU B 353 -8.95 -15.47 -14.08
C GLU B 353 -8.85 -13.96 -14.32
N TYR B 354 -9.52 -13.48 -15.36
CA TYR B 354 -9.47 -12.05 -15.78
C TYR B 354 -10.09 -11.18 -14.69
N PHE B 355 -11.22 -11.56 -14.12
CA PHE B 355 -11.78 -10.77 -12.99
C PHE B 355 -10.75 -10.74 -11.84
N LYS B 356 -10.09 -11.86 -11.58
CA LYS B 356 -9.11 -11.96 -10.46
C LYS B 356 -7.97 -10.99 -10.75
N ALA B 357 -7.44 -11.01 -11.97
CA ALA B 357 -6.34 -10.11 -12.39
C ALA B 357 -6.77 -8.63 -12.33
N SER B 358 -8.03 -8.31 -12.57
CA SER B 358 -8.46 -6.89 -12.55
C SER B 358 -8.87 -6.52 -11.12
N GLN B 359 -8.72 -7.41 -10.14
CA GLN B 359 -9.06 -7.09 -8.72
C GLN B 359 -10.54 -6.68 -8.62
N ASP B 360 -11.40 -7.26 -9.43
CA ASP B 360 -12.84 -7.04 -9.37
C ASP B 360 -13.46 -8.12 -8.49
N LYS B 361 -13.64 -7.84 -7.21
CA LYS B 361 -14.21 -8.81 -6.25
C LYS B 361 -15.73 -8.91 -6.43
N LEU B 362 -16.37 -8.28 -7.42
CA LEU B 362 -17.86 -8.39 -7.56
C LEU B 362 -18.28 -9.19 -8.81
N SER B 363 -17.79 -8.83 -9.98
CA SER B 363 -18.06 -9.52 -11.26
C SER B 363 -17.68 -10.99 -11.19
N ILE B 364 -16.64 -11.32 -10.43
CA ILE B 364 -16.09 -12.69 -10.33
C ILE B 364 -17.23 -13.62 -9.89
N LYS B 365 -18.19 -13.17 -9.07
CA LYS B 365 -19.34 -14.03 -8.65
C LYS B 365 -20.06 -14.60 -9.88
N MET B 366 -20.08 -13.89 -11.01
CA MET B 366 -20.85 -14.29 -12.21
C MET B 366 -20.38 -15.65 -12.72
N PRO B 367 -19.09 -15.80 -13.16
CA PRO B 367 -18.61 -17.06 -13.70
C PRO B 367 -18.55 -18.10 -12.59
N LEU B 368 -18.35 -17.67 -11.35
CA LEU B 368 -18.35 -18.68 -10.26
C LEU B 368 -19.73 -19.31 -10.11
N ILE B 369 -20.81 -18.60 -10.36
CA ILE B 369 -22.17 -19.20 -10.19
C ILE B 369 -22.35 -20.25 -11.29
N GLN B 370 -21.95 -19.95 -12.52
CA GLN B 370 -21.99 -20.92 -13.65
C GLN B 370 -21.17 -22.16 -13.29
N LEU B 371 -19.95 -22.00 -12.75
CA LEU B 371 -19.09 -23.16 -12.44
C LEU B 371 -19.74 -23.99 -11.34
N GLU B 372 -20.44 -23.37 -10.38
CA GLU B 372 -21.12 -24.15 -9.32
C GLU B 372 -22.25 -24.96 -9.97
N LYS B 373 -22.96 -24.45 -10.98
CA LYS B 373 -24.09 -25.20 -11.62
C LYS B 373 -23.55 -26.39 -12.41
N MET B 374 -22.43 -26.21 -13.10
CA MET B 374 -21.77 -27.25 -13.90
C MET B 374 -21.13 -28.30 -12.97
N GLY B 375 -21.20 -28.13 -11.66
CA GLY B 375 -20.91 -29.21 -10.71
C GLY B 375 -19.58 -29.05 -9.99
N GLU B 376 -18.92 -27.89 -10.07
CA GLU B 376 -17.59 -27.63 -9.44
C GLU B 376 -17.71 -27.54 -7.91
N ASN B 377 -16.69 -28.00 -7.18
CA ASN B 377 -16.74 -28.04 -5.69
C ASN B 377 -16.99 -26.61 -5.21
N PRO B 378 -18.09 -26.36 -4.49
CA PRO B 378 -18.36 -25.00 -4.00
C PRO B 378 -17.35 -24.57 -2.92
N ARG B 379 -16.86 -25.53 -2.11
CA ARG B 379 -15.80 -25.25 -1.09
C ARG B 379 -14.53 -24.73 -1.80
N LEU B 380 -14.16 -25.25 -2.97
CA LEU B 380 -13.01 -24.72 -3.74
C LEU B 380 -13.35 -23.34 -4.25
N LEU B 381 -14.50 -23.18 -4.88
CA LEU B 381 -14.86 -21.86 -5.50
C LEU B 381 -14.84 -20.78 -4.42
N LYS B 382 -15.23 -21.08 -3.18
CA LYS B 382 -15.25 -20.12 -2.04
C LYS B 382 -13.81 -19.67 -1.78
N ILE B 383 -12.84 -20.59 -1.79
CA ILE B 383 -11.41 -20.27 -1.51
C ILE B 383 -10.93 -19.25 -2.56
N ILE B 384 -11.34 -19.34 -3.80
CA ILE B 384 -10.89 -18.35 -4.83
C ILE B 384 -11.30 -16.93 -4.45
N THR B 385 -12.37 -16.71 -3.67
CA THR B 385 -12.88 -15.32 -3.40
C THR B 385 -12.44 -14.86 -2.02
N MET B 386 -11.53 -15.60 -1.37
CA MET B 386 -10.97 -15.22 -0.05
C MET B 386 -10.06 -14.00 -0.17
#